data_4YGD
#
_entry.id   4YGD
#
_cell.length_a   103.063
_cell.length_b   58.765
_cell.length_c   119.386
_cell.angle_alpha   90.00
_cell.angle_beta   109.01
_cell.angle_gamma   90.00
#
_symmetry.space_group_name_H-M   'P 1 21 1'
#
loop_
_entity.id
_entity.type
_entity.pdbx_description
1 polymer 'Protein ERGIC-53'
2 polymer 'Multiple coagulation factor deficiency protein 2'
3 non-polymer 'CALCIUM ION'
4 non-polymer 'CHLORIDE ION'
5 water water
#
loop_
_entity_poly.entity_id
_entity_poly.type
_entity_poly.pdbx_seq_one_letter_code
_entity_poly.pdbx_strand_id
1 'polypeptide(L)'
;MNHKVHMDGVGGDPAVALPHRRFEYKYSFKGPHLVQSDGTVPFWAHAGNAIPSSDQIRVAPSLKSQRGSVWTKTKAAFEN
WEVEVTFRVTGRGRIGADGLAIWYAENQGLEGPVFGSADLWNGVGIFFDSFDNDGKKNNPAIVIIGNNGQIHYDHQNDGA
SQALASCQRDFRNKPYPVRAKITYYQNTLTVMINNGFTPDKNDYEFCAKVENMIIPAQGHFGISAATGGLADDHDVLSFL
TFQLTE
;
A,C,E,G
2 'polypeptide(L)'
;MGHHHHHHHHHHSSGHIEGRHMLEMSPQELQLHYFKMHDYDGNNLLDGLELSTAITHVHKEEGSEQAPLMSEDELINIID
GVLRDDDKNNDGYIDYAEFAKSLQ
;
B,D,F,H
#
loop_
_chem_comp.id
_chem_comp.type
_chem_comp.name
_chem_comp.formula
CA non-polymer 'CALCIUM ION' 'Ca 2'
CL non-polymer 'CHLORIDE ION' 'Cl -1'
#
# COMPACT_ATOMS: atom_id res chain seq x y z
N PRO A 19 51.17 -18.52 45.42
CA PRO A 19 51.87 -18.11 44.17
C PRO A 19 51.46 -16.69 43.69
N HIS A 20 52.43 -15.83 43.42
CA HIS A 20 52.15 -14.43 43.04
C HIS A 20 51.72 -14.32 41.58
N ARG A 21 50.72 -13.50 41.30
CA ARG A 21 50.26 -13.28 39.91
C ARG A 21 50.70 -11.92 39.40
N ARG A 22 51.28 -11.90 38.23
CA ARG A 22 51.59 -10.65 37.56
C ARG A 22 50.82 -10.55 36.26
N PHE A 23 49.99 -9.51 36.11
CA PHE A 23 49.28 -9.31 34.84
C PHE A 23 50.28 -8.92 33.75
N GLU A 24 50.13 -9.52 32.58
CA GLU A 24 51.00 -9.31 31.46
C GLU A 24 50.22 -8.66 30.29
N TYR A 25 50.30 -7.34 30.18
CA TYR A 25 49.48 -6.63 29.20
C TYR A 25 49.83 -7.03 27.77
N LYS A 26 51.08 -7.41 27.55
CA LYS A 26 51.59 -7.56 26.19
C LYS A 26 51.13 -8.88 25.58
N TYR A 27 50.56 -9.73 26.42
CA TYR A 27 50.07 -11.02 25.97
C TYR A 27 48.57 -11.14 26.23
N SER A 28 47.89 -10.00 26.19
CA SER A 28 46.50 -9.90 26.57
C SER A 28 45.71 -8.94 25.65
N PHE A 29 44.39 -9.13 25.62
CA PHE A 29 43.51 -8.21 24.98
C PHE A 29 42.12 -8.26 25.61
N LYS A 30 41.40 -7.15 25.50
CA LYS A 30 40.04 -7.06 26.01
C LYS A 30 39.43 -5.75 25.58
N GLY A 31 38.11 -5.64 25.78
CA GLY A 31 37.36 -4.41 25.53
C GLY A 31 37.42 -3.56 26.75
N PRO A 32 36.79 -2.36 26.72
CA PRO A 32 35.84 -1.92 25.71
C PRO A 32 36.42 -1.09 24.59
N HIS A 33 37.72 -1.01 24.49
CA HIS A 33 38.40 -0.38 23.35
C HIS A 33 39.42 -1.37 22.81
N LEU A 34 38.95 -2.53 22.43
CA LEU A 34 39.84 -3.63 22.11
C LEU A 34 40.57 -3.35 20.79
N VAL A 35 39.87 -2.86 19.77
CA VAL A 35 40.53 -2.57 18.50
C VAL A 35 40.95 -1.17 18.39
N GLN A 36 42.04 -0.97 17.64
CA GLN A 36 42.51 0.35 17.32
C GLN A 36 41.77 0.84 16.09
N SER A 37 41.92 2.13 15.81
CA SER A 37 41.16 2.77 14.72
C SER A 37 41.49 2.19 13.36
N ASP A 38 42.66 1.55 13.19
CA ASP A 38 42.95 0.81 11.95
C ASP A 38 42.42 -0.63 11.95
N GLY A 39 41.60 -0.99 12.94
CA GLY A 39 41.11 -2.34 13.01
C GLY A 39 42.06 -3.41 13.49
N THR A 40 43.21 -3.04 14.06
CA THR A 40 44.14 -4.01 14.66
C THR A 40 43.96 -4.10 16.16
N VAL A 41 44.39 -5.22 16.71
CA VAL A 41 44.42 -5.48 18.12
C VAL A 41 45.86 -5.26 18.59
N PRO A 42 46.08 -4.37 19.57
CA PRO A 42 47.44 -4.09 20.01
C PRO A 42 48.15 -5.35 20.50
N PHE A 43 49.37 -5.56 20.00
CA PHE A 43 50.27 -6.62 20.42
C PHE A 43 49.88 -7.99 19.88
N TRP A 44 48.78 -8.08 19.11
CA TRP A 44 48.41 -9.33 18.48
C TRP A 44 48.23 -9.18 16.99
N ALA A 45 48.44 -10.28 16.29
CA ALA A 45 48.25 -10.32 14.85
C ALA A 45 47.03 -11.19 14.66
N HIS A 46 46.16 -10.80 13.74
CA HIS A 46 45.04 -11.63 13.40
C HIS A 46 45.07 -12.01 11.92
N ALA A 47 44.40 -13.08 11.57
CA ALA A 47 44.41 -13.54 10.21
C ALA A 47 43.14 -14.30 9.91
N GLY A 48 43.01 -14.64 8.63
CA GLY A 48 41.86 -15.32 8.10
C GLY A 48 40.71 -14.35 8.20
N ASN A 49 39.57 -14.84 8.67
CA ASN A 49 38.37 -14.04 8.77
C ASN A 49 38.01 -13.56 10.18
N ALA A 50 38.96 -13.62 11.13
CA ALA A 50 38.78 -13.01 12.43
C ALA A 50 38.40 -11.56 12.28
N ILE A 51 37.35 -11.10 12.94
CA ILE A 51 36.98 -9.69 12.94
C ILE A 51 37.09 -9.09 14.37
N PRO A 52 38.09 -8.26 14.59
CA PRO A 52 38.19 -7.60 15.88
C PRO A 52 37.20 -6.45 15.94
N SER A 53 36.53 -6.29 17.06
CA SER A 53 35.67 -5.14 17.30
C SER A 53 35.95 -4.56 18.68
N SER A 54 35.20 -3.56 19.10
CA SER A 54 35.62 -2.81 20.31
C SER A 54 35.53 -3.66 21.59
N ASP A 55 34.68 -4.67 21.61
CA ASP A 55 34.47 -5.44 22.86
C ASP A 55 34.63 -6.96 22.73
N GLN A 56 34.99 -7.43 21.54
CA GLN A 56 35.30 -8.81 21.34
C GLN A 56 35.92 -9.04 19.96
N ILE A 57 36.51 -10.21 19.78
CA ILE A 57 36.95 -10.63 18.47
C ILE A 57 36.08 -11.78 17.98
N ARG A 58 35.46 -11.63 16.80
CA ARG A 58 34.72 -12.71 16.23
C ARG A 58 35.71 -13.54 15.48
N VAL A 59 36.27 -14.53 16.16
CA VAL A 59 37.40 -15.27 15.60
C VAL A 59 36.99 -16.02 14.37
N ALA A 60 35.75 -16.53 14.35
CA ALA A 60 35.19 -17.11 13.13
C ALA A 60 33.70 -16.99 13.16
N PRO A 61 33.11 -16.31 12.18
CA PRO A 61 31.70 -16.03 12.21
C PRO A 61 30.94 -17.26 11.72
N SER A 62 29.63 -17.22 11.88
CA SER A 62 28.76 -18.32 11.57
C SER A 62 28.46 -18.43 10.07
N LEU A 63 29.50 -18.46 9.26
CA LEU A 63 29.43 -18.69 7.83
C LEU A 63 30.16 -19.99 7.50
N LYS A 64 29.87 -20.53 6.32
CA LYS A 64 30.46 -21.82 5.90
C LYS A 64 31.94 -21.70 5.74
N SER A 65 32.66 -22.73 6.20
CA SER A 65 34.08 -22.92 5.90
C SER A 65 34.95 -21.75 6.24
N GLN A 66 34.94 -21.31 7.51
CA GLN A 66 35.67 -20.14 7.90
C GLN A 66 36.86 -20.56 8.69
N ARG A 67 37.92 -19.76 8.63
CA ARG A 67 39.08 -19.84 9.54
C ARG A 67 39.50 -18.47 10.00
N GLY A 68 39.85 -18.36 11.27
CA GLY A 68 40.40 -17.13 11.80
C GLY A 68 41.30 -17.40 12.95
N SER A 69 42.25 -16.51 13.18
CA SER A 69 43.09 -16.65 14.35
C SER A 69 43.62 -15.34 14.80
N VAL A 70 44.10 -15.35 16.04
CA VAL A 70 44.69 -14.20 16.67
C VAL A 70 45.86 -14.73 17.48
N TRP A 71 47.06 -14.22 17.23
CA TRP A 71 48.26 -14.68 17.93
C TRP A 71 49.09 -13.50 18.43
N THR A 72 49.77 -13.68 19.56
CA THR A 72 50.66 -12.65 20.09
C THR A 72 51.79 -12.41 19.10
N LYS A 73 52.16 -11.16 18.93
CA LYS A 73 53.28 -10.81 18.07
C LYS A 73 54.61 -11.34 18.59
N THR A 74 54.84 -11.31 19.88
CA THR A 74 56.09 -11.80 20.42
C THR A 74 55.89 -12.97 21.34
N LYS A 75 57.02 -13.61 21.65
CA LYS A 75 57.01 -14.79 22.49
C LYS A 75 57.03 -14.38 23.93
N ALA A 76 56.34 -15.14 24.75
CA ALA A 76 56.44 -15.03 26.19
C ALA A 76 57.49 -16.02 26.68
N ALA A 77 58.20 -15.64 27.74
CA ALA A 77 59.17 -16.52 28.42
C ALA A 77 58.81 -16.59 29.90
N PHE A 78 57.81 -17.41 30.24
CA PHE A 78 57.39 -17.55 31.63
C PHE A 78 57.51 -19.01 32.07
N GLU A 79 58.14 -19.23 33.21
CA GLU A 79 58.23 -20.56 33.77
C GLU A 79 56.82 -21.09 34.03
N ASN A 80 56.00 -20.22 34.61
CA ASN A 80 54.63 -20.56 34.91
C ASN A 80 53.70 -19.45 34.50
N TRP A 81 52.51 -19.84 34.08
CA TRP A 81 51.53 -18.86 33.69
C TRP A 81 50.10 -19.33 33.90
N GLU A 82 49.20 -18.37 33.75
CA GLU A 82 47.77 -18.61 33.77
C GLU A 82 47.11 -17.68 32.75
N VAL A 83 46.25 -18.21 31.89
CA VAL A 83 45.45 -17.41 30.99
C VAL A 83 43.96 -17.60 31.29
N GLU A 84 43.19 -16.49 31.25
CA GLU A 84 41.74 -16.55 31.36
C GLU A 84 41.17 -16.04 30.06
N VAL A 85 40.45 -16.92 29.40
CA VAL A 85 39.84 -16.62 28.12
C VAL A 85 38.35 -16.67 28.29
N THR A 86 37.69 -15.57 27.95
CA THR A 86 36.25 -15.44 28.11
C THR A 86 35.70 -15.40 26.71
N PHE A 87 34.75 -16.28 26.41
CA PHE A 87 34.30 -16.46 25.04
C PHE A 87 32.86 -16.93 24.94
N ARG A 88 32.27 -16.79 23.77
CA ARG A 88 30.96 -17.33 23.45
C ARG A 88 31.06 -18.11 22.16
N VAL A 89 30.42 -19.26 22.15
CA VAL A 89 30.16 -20.01 20.94
C VAL A 89 28.63 -20.11 20.81
N THR A 90 28.10 -19.55 19.73
CA THR A 90 26.67 -19.39 19.51
C THR A 90 26.25 -19.83 18.13
N GLY A 91 25.15 -20.57 18.06
CA GLY A 91 24.63 -21.21 16.83
C GLY A 91 23.19 -21.72 16.99
N ARG A 92 22.41 -21.71 15.92
CA ARG A 92 20.99 -22.14 15.94
C ARG A 92 20.83 -23.57 16.44
N GLY A 93 21.58 -24.49 15.89
CA GLY A 93 21.44 -25.88 16.32
C GLY A 93 21.77 -26.26 17.78
N ARG A 94 21.19 -27.36 18.22
CA ARG A 94 21.74 -28.19 19.26
C ARG A 94 23.11 -28.77 18.80
N ILE A 95 23.38 -28.80 17.48
CA ILE A 95 24.69 -29.16 16.94
C ILE A 95 25.37 -27.95 16.27
N GLY A 96 26.68 -27.80 16.46
CA GLY A 96 27.47 -26.72 15.87
C GLY A 96 28.86 -27.18 15.44
N ALA A 97 29.61 -26.30 14.80
CA ALA A 97 30.96 -26.65 14.38
C ALA A 97 31.75 -25.39 14.04
N ASP A 98 33.07 -25.46 14.03
CA ASP A 98 33.86 -26.61 14.45
C ASP A 98 34.35 -26.51 15.87
N GLY A 99 34.62 -25.27 16.29
CA GLY A 99 35.06 -25.02 17.62
C GLY A 99 36.21 -24.06 17.62
N LEU A 100 36.82 -23.98 18.79
CA LEU A 100 37.73 -22.92 19.15
C LEU A 100 38.93 -23.55 19.83
N ALA A 101 40.12 -23.00 19.58
CA ALA A 101 41.34 -23.56 20.19
C ALA A 101 42.08 -22.46 20.88
N ILE A 102 42.67 -22.78 22.03
CA ILE A 102 43.58 -21.91 22.74
C ILE A 102 44.99 -22.52 22.63
N TRP A 103 45.99 -21.69 22.32
CA TRP A 103 47.31 -22.14 21.97
C TRP A 103 48.39 -21.54 22.82
N TYR A 104 49.36 -22.38 23.17
CA TYR A 104 50.70 -21.93 23.54
C TYR A 104 51.68 -22.75 22.71
N ALA A 105 52.46 -22.07 21.86
CA ALA A 105 53.29 -22.75 20.87
C ALA A 105 54.50 -21.94 20.46
N GLU A 106 55.57 -22.66 20.08
CA GLU A 106 56.86 -22.09 19.69
C GLU A 106 56.65 -21.10 18.59
N ASN A 107 55.91 -21.52 17.56
CA ASN A 107 55.65 -20.66 16.40
C ASN A 107 54.20 -20.18 16.27
N GLN A 108 54.03 -18.94 15.82
CA GLN A 108 52.71 -18.45 15.42
C GLN A 108 52.13 -19.39 14.41
N GLY A 109 50.93 -19.93 14.66
CA GLY A 109 50.21 -20.74 13.69
C GLY A 109 49.03 -20.02 13.05
N LEU A 110 49.29 -18.89 12.42
CA LEU A 110 48.23 -17.98 11.96
C LEU A 110 47.13 -18.56 11.04
N GLU A 111 47.52 -19.27 10.01
CA GLU A 111 46.57 -19.91 9.10
C GLU A 111 46.88 -21.40 9.10
N GLY A 112 45.87 -22.21 8.88
CA GLY A 112 46.04 -23.66 8.84
C GLY A 112 44.74 -24.40 9.12
N PRO A 113 44.78 -25.74 9.00
CA PRO A 113 43.58 -26.57 9.09
C PRO A 113 43.17 -27.01 10.50
N VAL A 114 43.93 -26.65 11.54
CA VAL A 114 43.60 -27.07 12.90
C VAL A 114 42.86 -25.96 13.65
N PHE A 115 41.53 -26.08 13.70
CA PHE A 115 40.68 -25.02 14.17
C PHE A 115 41.18 -23.64 13.69
N GLY A 116 41.50 -23.58 12.40
CA GLY A 116 41.93 -22.34 11.78
C GLY A 116 43.40 -22.00 11.88
N SER A 117 44.17 -22.81 12.63
CA SER A 117 45.60 -22.57 12.80
C SER A 117 46.44 -23.72 12.27
N ALA A 118 47.74 -23.44 12.18
CA ALA A 118 48.77 -24.39 11.70
C ALA A 118 48.80 -25.71 12.48
N ASP A 119 48.87 -26.81 11.73
CA ASP A 119 49.15 -28.16 12.25
C ASP A 119 50.65 -28.26 12.63
N LEU A 120 51.06 -29.38 13.24
CA LEU A 120 52.48 -29.65 13.53
C LEU A 120 53.09 -28.51 14.33
N TRP A 121 52.41 -28.17 15.42
CA TRP A 121 52.84 -27.08 16.26
C TRP A 121 53.73 -27.73 17.27
N ASN A 122 54.57 -26.94 17.88
CA ASN A 122 55.32 -27.38 19.02
C ASN A 122 54.81 -26.73 20.30
N GLY A 123 54.10 -27.50 21.10
CA GLY A 123 53.58 -27.00 22.40
C GLY A 123 52.20 -27.58 22.58
N VAL A 124 51.28 -26.78 23.14
CA VAL A 124 49.95 -27.25 23.53
C VAL A 124 48.77 -26.51 22.87
N GLY A 125 47.79 -27.28 22.40
CA GLY A 125 46.49 -26.81 21.98
C GLY A 125 45.42 -27.30 22.95
N ILE A 126 44.54 -26.40 23.40
CA ILE A 126 43.36 -26.81 24.18
C ILE A 126 42.20 -26.58 23.26
N PHE A 127 41.59 -27.68 22.81
CA PHE A 127 40.62 -27.62 21.77
C PHE A 127 39.20 -27.75 22.31
N PHE A 128 38.37 -26.73 22.02
CA PHE A 128 36.96 -26.73 22.35
C PHE A 128 36.22 -27.16 21.10
N ASP A 129 35.94 -28.45 21.04
CA ASP A 129 35.56 -29.12 19.82
C ASP A 129 34.06 -29.37 19.87
N SER A 130 33.33 -28.61 19.10
CA SER A 130 31.86 -28.69 19.06
C SER A 130 31.36 -29.92 18.27
N PHE A 131 32.12 -30.34 17.25
CA PHE A 131 31.56 -31.25 16.28
C PHE A 131 32.17 -32.64 16.39
N ASP A 132 31.26 -33.60 16.56
CA ASP A 132 31.53 -35.02 16.76
C ASP A 132 31.90 -35.72 15.45
N ASN A 133 33.17 -35.58 15.05
CA ASN A 133 33.64 -36.05 13.76
C ASN A 133 33.61 -37.58 13.63
N ASP A 134 33.98 -38.27 14.72
CA ASP A 134 33.99 -39.73 14.77
C ASP A 134 32.69 -40.33 15.30
N GLY A 135 31.60 -39.55 15.32
CA GLY A 135 30.29 -40.06 15.71
C GLY A 135 30.13 -40.77 17.05
N LYS A 136 31.04 -40.51 18.00
CA LYS A 136 30.99 -41.14 19.34
C LYS A 136 30.08 -40.46 20.41
N LYS A 137 29.18 -39.57 19.99
CA LYS A 137 28.21 -38.88 20.87
C LYS A 137 28.83 -38.36 22.17
N ASN A 138 30.05 -37.85 22.05
CA ASN A 138 30.78 -37.32 23.19
C ASN A 138 31.28 -35.86 22.95
N ASN A 139 30.40 -35.01 22.40
CA ASN A 139 30.71 -33.61 22.11
C ASN A 139 29.52 -32.75 22.53
N PRO A 140 29.75 -31.47 22.84
CA PRO A 140 31.03 -30.78 22.82
C PRO A 140 32.03 -31.31 23.83
N ALA A 141 33.31 -31.26 23.47
CA ALA A 141 34.38 -31.71 24.30
C ALA A 141 35.51 -30.69 24.33
N ILE A 142 36.30 -30.78 25.37
CA ILE A 142 37.48 -29.98 25.54
C ILE A 142 38.63 -30.96 25.65
N VAL A 143 39.62 -30.80 24.77
CA VAL A 143 40.67 -31.79 24.59
C VAL A 143 42.03 -31.12 24.66
N ILE A 144 42.89 -31.60 25.53
CA ILE A 144 44.25 -31.05 25.59
C ILE A 144 45.17 -31.91 24.72
N ILE A 145 45.92 -31.29 23.82
CA ILE A 145 46.81 -32.00 22.90
C ILE A 145 48.18 -31.35 22.83
N GLY A 146 49.18 -32.08 23.34
CA GLY A 146 50.59 -31.65 23.28
C GLY A 146 51.09 -32.08 21.93
N ASN A 147 52.11 -31.43 21.45
CA ASN A 147 52.67 -31.77 20.14
C ASN A 147 54.12 -31.27 20.13
N ASN A 148 54.94 -31.87 19.27
CA ASN A 148 56.39 -31.67 19.30
C ASN A 148 56.93 -31.25 17.95
N GLY A 149 56.02 -30.90 17.05
CA GLY A 149 56.41 -30.48 15.69
C GLY A 149 56.13 -31.54 14.63
N GLN A 150 55.71 -32.74 15.07
CA GLN A 150 55.59 -33.89 14.16
C GLN A 150 54.22 -34.58 14.08
N ILE A 151 53.31 -34.31 15.01
CA ILE A 151 52.00 -34.96 15.00
C ILE A 151 51.04 -34.18 14.08
N HIS A 152 50.44 -34.88 13.13
CA HIS A 152 49.35 -34.31 12.36
C HIS A 152 48.08 -34.46 13.19
N TYR A 153 47.40 -33.36 13.46
CA TYR A 153 46.15 -33.43 14.21
C TYR A 153 45.09 -34.33 13.52
N ASP A 154 44.54 -35.23 14.31
CA ASP A 154 43.56 -36.19 13.86
C ASP A 154 42.13 -35.62 13.93
N HIS A 155 41.79 -34.81 12.93
CA HIS A 155 40.44 -34.23 12.75
C HIS A 155 39.30 -35.21 12.88
N GLN A 156 39.41 -36.33 12.18
CA GLN A 156 38.29 -37.27 12.07
C GLN A 156 37.90 -37.89 13.38
N ASN A 157 38.87 -38.04 14.28
CA ASN A 157 38.62 -38.64 15.60
C ASN A 157 38.60 -37.64 16.74
N ASP A 158 38.42 -36.36 16.41
CA ASP A 158 38.39 -35.33 17.46
C ASP A 158 39.63 -35.39 18.35
N GLY A 159 40.77 -35.70 17.74
CA GLY A 159 42.02 -35.97 18.48
C GLY A 159 42.00 -37.02 19.58
N ALA A 160 41.04 -37.94 19.56
CA ALA A 160 40.85 -38.91 20.67
C ALA A 160 42.08 -39.73 21.04
N SER A 161 42.89 -40.11 20.05
CA SER A 161 44.08 -40.93 20.29
C SER A 161 45.28 -40.07 20.70
N GLN A 162 45.26 -38.79 20.36
CA GLN A 162 46.36 -37.87 20.68
C GLN A 162 46.20 -37.07 22.00
N ALA A 163 45.03 -37.19 22.63
CA ALA A 163 44.64 -36.40 23.80
C ALA A 163 45.35 -36.85 25.04
N LEU A 164 46.15 -35.97 25.60
CA LEU A 164 46.69 -36.14 26.92
C LEU A 164 45.60 -36.17 27.97
N ALA A 165 44.48 -35.49 27.74
CA ALA A 165 43.40 -35.44 28.71
C ALA A 165 42.21 -34.69 28.11
N SER A 166 41.03 -34.90 28.68
CA SER A 166 39.84 -34.34 28.09
C SER A 166 38.65 -34.35 29.03
N CYS A 167 37.64 -33.57 28.70
CA CYS A 167 36.41 -33.57 29.47
C CYS A 167 35.29 -33.33 28.49
N GLN A 168 34.08 -33.63 28.94
CA GLN A 168 32.89 -33.31 28.16
C GLN A 168 32.23 -32.13 28.82
N ARG A 169 31.86 -31.13 28.05
CA ARG A 169 31.38 -29.88 28.63
C ARG A 169 30.74 -29.13 27.51
N ASP A 170 29.49 -28.81 27.65
CA ASP A 170 28.77 -28.13 26.57
C ASP A 170 28.98 -26.60 26.68
N PHE A 171 29.92 -26.08 25.93
CA PHE A 171 30.25 -24.66 26.02
C PHE A 171 29.50 -23.77 25.03
N ARG A 172 28.48 -24.34 24.37
CA ARG A 172 27.74 -23.61 23.34
C ARG A 172 26.45 -23.00 23.84
N ASN A 173 26.11 -21.80 23.37
CA ASN A 173 24.77 -21.24 23.57
C ASN A 173 24.38 -21.08 25.04
N LYS A 174 25.27 -20.46 25.81
CA LYS A 174 25.05 -20.26 27.21
C LYS A 174 24.67 -18.82 27.51
N PRO A 175 23.89 -18.59 28.57
CA PRO A 175 23.41 -17.24 28.82
C PRO A 175 24.47 -16.22 29.18
N TYR A 176 25.55 -16.62 29.85
CA TYR A 176 26.70 -15.73 30.14
C TYR A 176 27.92 -16.34 29.47
N PRO A 177 28.96 -15.53 29.26
CA PRO A 177 30.17 -16.01 28.60
C PRO A 177 30.79 -17.18 29.34
N VAL A 178 31.32 -18.12 28.59
CA VAL A 178 32.06 -19.23 29.13
C VAL A 178 33.47 -18.72 29.41
N ARG A 179 34.10 -19.27 30.44
CA ARG A 179 35.45 -18.89 30.84
C ARG A 179 36.29 -20.13 31.02
N ALA A 180 37.44 -20.11 30.35
CA ALA A 180 38.47 -21.12 30.49
C ALA A 180 39.66 -20.50 31.24
N LYS A 181 39.98 -21.03 32.41
CA LYS A 181 41.19 -20.71 33.15
C LYS A 181 42.17 -21.88 32.93
N ILE A 182 43.30 -21.56 32.32
CA ILE A 182 44.27 -22.52 31.93
C ILE A 182 45.55 -22.16 32.65
N THR A 183 45.99 -23.05 33.53
CA THR A 183 47.13 -22.77 34.40
C THR A 183 48.28 -23.74 34.07
N TYR A 184 49.47 -23.22 33.86
CA TYR A 184 50.70 -24.02 33.78
C TYR A 184 51.56 -23.70 35.01
N TYR A 185 51.55 -24.61 35.98
CA TYR A 185 52.25 -24.36 37.24
C TYR A 185 52.91 -25.63 37.79
N GLN A 186 54.23 -25.55 38.04
CA GLN A 186 55.07 -26.68 38.49
C GLN A 186 54.86 -27.86 37.58
N ASN A 187 55.04 -27.62 36.29
CA ASN A 187 54.92 -28.63 35.26
C ASN A 187 53.54 -29.25 35.03
N THR A 188 52.51 -28.84 35.76
CA THR A 188 51.16 -29.33 35.50
C THR A 188 50.24 -28.29 34.77
N LEU A 189 49.60 -28.75 33.70
CA LEU A 189 48.63 -27.96 32.95
C LEU A 189 47.23 -28.32 33.40
N THR A 190 46.55 -27.39 34.06
CA THR A 190 45.16 -27.55 34.46
C THR A 190 44.19 -26.70 33.62
N VAL A 191 43.00 -27.23 33.36
CA VAL A 191 41.95 -26.50 32.64
C VAL A 191 40.71 -26.49 33.50
N MET A 192 40.26 -25.30 33.86
CA MET A 192 39.04 -25.07 34.62
C MET A 192 38.08 -24.26 33.76
N ILE A 193 36.80 -24.54 33.86
CA ILE A 193 35.81 -23.95 32.97
C ILE A 193 34.69 -23.43 33.82
N ASN A 194 34.33 -22.18 33.57
CA ASN A 194 33.07 -21.63 34.04
C ASN A 194 32.12 -21.76 32.88
N ASN A 195 31.06 -22.54 33.06
CA ASN A 195 30.19 -22.95 31.97
C ASN A 195 29.13 -21.87 31.57
N GLY A 196 29.11 -20.72 32.23
CA GLY A 196 28.25 -19.61 31.80
C GLY A 196 26.76 -19.72 32.13
N PHE A 197 26.41 -20.56 33.09
CA PHE A 197 24.99 -20.75 33.47
C PHE A 197 24.42 -19.66 34.34
N THR A 198 25.27 -18.96 35.07
CA THR A 198 24.84 -17.93 35.99
C THR A 198 25.75 -16.72 35.86
N PRO A 199 25.40 -15.59 36.49
CA PRO A 199 26.32 -14.41 36.44
C PRO A 199 27.60 -14.47 37.25
N ASP A 200 27.88 -15.56 37.94
CA ASP A 200 29.03 -15.60 38.82
C ASP A 200 30.30 -15.92 38.01
N LYS A 201 31.11 -14.89 37.72
CA LYS A 201 32.29 -15.10 36.88
C LYS A 201 33.34 -16.06 37.52
N ASN A 202 33.14 -16.48 38.77
CA ASN A 202 34.13 -17.38 39.41
C ASN A 202 33.66 -18.77 39.66
N ASP A 203 32.51 -19.15 39.11
CA ASP A 203 32.03 -20.52 39.33
C ASP A 203 32.69 -21.47 38.35
N TYR A 204 33.95 -21.77 38.62
CA TYR A 204 34.73 -22.69 37.82
C TYR A 204 34.54 -24.14 38.28
N GLU A 205 34.55 -25.07 37.33
CA GLU A 205 34.56 -26.49 37.61
C GLU A 205 35.78 -27.11 36.91
N PHE A 206 36.34 -28.14 37.53
CA PHE A 206 37.45 -28.87 36.97
C PHE A 206 37.07 -29.46 35.64
N CYS A 207 38.00 -29.43 34.69
CA CYS A 207 37.77 -30.06 33.41
C CYS A 207 38.84 -31.11 33.07
N ALA A 208 40.11 -30.74 33.16
CA ALA A 208 41.20 -31.66 32.88
C ALA A 208 42.55 -31.14 33.38
N LYS A 209 43.54 -32.02 33.34
CA LYS A 209 44.80 -31.84 34.05
C LYS A 209 45.82 -32.77 33.42
N VAL A 210 47.05 -32.30 33.31
CA VAL A 210 48.12 -33.12 32.76
C VAL A 210 49.35 -32.84 33.60
N GLU A 211 49.84 -33.88 34.29
CA GLU A 211 51.03 -33.78 35.16
C GLU A 211 52.24 -33.98 34.27
N ASN A 212 53.37 -33.36 34.65
CA ASN A 212 54.64 -33.50 33.91
C ASN A 212 54.56 -33.13 32.43
N MET A 213 53.87 -32.03 32.15
CA MET A 213 53.74 -31.49 30.82
C MET A 213 55.00 -30.66 30.52
N ILE A 214 55.65 -30.95 29.39
CA ILE A 214 56.77 -30.16 28.91
C ILE A 214 56.26 -29.36 27.72
N ILE A 215 56.60 -28.08 27.73
CA ILE A 215 56.22 -27.17 26.65
C ILE A 215 57.37 -26.21 26.51
N PRO A 216 57.51 -25.57 25.34
CA PRO A 216 58.66 -24.71 25.17
C PRO A 216 58.79 -23.68 26.26
N ALA A 217 60.01 -23.19 26.43
CA ALA A 217 60.29 -22.18 27.45
C ALA A 217 59.92 -20.82 26.88
N GLN A 218 59.79 -20.74 25.57
CA GLN A 218 59.30 -19.54 24.93
C GLN A 218 58.23 -19.87 23.91
N GLY A 219 57.12 -19.13 23.96
CA GLY A 219 56.03 -19.36 23.02
C GLY A 219 55.14 -18.16 22.81
N HIS A 220 54.44 -18.21 21.69
CA HIS A 220 53.34 -17.33 21.39
C HIS A 220 52.08 -17.93 22.00
N PHE A 221 51.23 -17.09 22.58
CA PHE A 221 49.88 -17.50 22.90
C PHE A 221 49.03 -17.21 21.69
N GLY A 222 47.96 -17.99 21.52
CA GLY A 222 47.06 -17.76 20.40
C GLY A 222 45.66 -18.27 20.64
N ILE A 223 44.74 -17.81 19.80
CA ILE A 223 43.41 -18.32 19.81
C ILE A 223 42.92 -18.43 18.40
N SER A 224 42.17 -19.48 18.07
CA SER A 224 41.68 -19.63 16.68
C SER A 224 40.35 -20.37 16.64
N ALA A 225 39.71 -20.35 15.49
CA ALA A 225 38.45 -21.07 15.31
C ALA A 225 38.14 -21.35 13.88
N ALA A 226 37.21 -22.26 13.65
CA ALA A 226 36.83 -22.60 12.26
C ALA A 226 35.39 -23.08 12.19
N THR A 227 34.87 -23.13 10.97
CA THR A 227 33.55 -23.72 10.69
C THR A 227 33.61 -24.61 9.47
N GLY A 228 32.52 -25.31 9.18
CA GLY A 228 32.44 -26.16 8.01
C GLY A 228 31.12 -25.88 7.30
N GLY A 229 30.36 -26.94 7.04
CA GLY A 229 28.99 -26.80 6.55
C GLY A 229 28.10 -26.30 7.65
N LEU A 230 28.27 -26.81 8.86
CA LEU A 230 27.69 -26.14 10.05
C LEU A 230 28.66 -25.11 10.55
N ALA A 231 28.13 -24.04 11.12
CA ALA A 231 28.95 -22.93 11.59
C ALA A 231 28.31 -22.22 12.77
N ASP A 232 29.05 -22.07 13.88
CA ASP A 232 28.73 -21.13 14.96
C ASP A 232 29.53 -19.84 14.84
N ASP A 233 29.06 -18.78 15.48
CA ASP A 233 29.89 -17.60 15.73
C ASP A 233 30.78 -17.94 16.90
N HIS A 234 32.09 -17.77 16.70
CA HIS A 234 33.04 -17.95 17.79
C HIS A 234 33.62 -16.60 18.24
N ASP A 235 33.30 -16.18 19.43
CA ASP A 235 33.68 -14.87 19.91
C ASP A 235 34.56 -14.95 21.16
N VAL A 236 35.66 -14.20 21.17
CA VAL A 236 36.46 -14.06 22.36
C VAL A 236 36.38 -12.63 22.87
N LEU A 237 35.85 -12.47 24.06
CA LEU A 237 35.67 -11.13 24.68
C LEU A 237 37.00 -10.68 25.27
N SER A 238 37.76 -11.63 25.83
CA SER A 238 38.98 -11.27 26.46
C SER A 238 39.93 -12.46 26.62
N PHE A 239 41.22 -12.16 26.51
CA PHE A 239 42.30 -13.12 26.70
C PHE A 239 43.27 -12.43 27.67
N LEU A 240 43.36 -12.95 28.88
CA LEU A 240 44.09 -12.25 29.94
C LEU A 240 45.15 -13.19 30.50
N THR A 241 46.39 -12.75 30.39
CA THR A 241 47.59 -13.57 30.68
C THR A 241 48.31 -13.10 31.93
N PHE A 242 48.61 -14.04 32.82
CA PHE A 242 49.36 -13.76 34.03
C PHE A 242 50.62 -14.63 34.08
N GLN A 243 51.72 -14.01 34.48
CA GLN A 243 52.89 -14.72 34.95
C GLN A 243 52.74 -15.12 36.43
N LEU A 244 52.99 -16.39 36.75
CA LEU A 244 53.04 -16.87 38.15
C LEU A 244 54.50 -17.00 38.61
N THR A 245 54.80 -16.65 39.85
CA THR A 245 56.14 -16.92 40.43
C THR A 245 56.00 -17.57 41.80
N MET B 25 38.96 22.86 41.01
CA MET B 25 39.31 21.42 41.23
C MET B 25 40.79 21.26 41.49
N SER B 26 41.15 20.75 42.66
CA SER B 26 42.56 20.68 43.06
C SER B 26 43.32 19.65 42.18
N PRO B 27 44.62 19.87 41.97
CA PRO B 27 45.42 18.81 41.39
C PRO B 27 44.96 17.40 41.80
N GLN B 28 44.75 17.22 43.10
CA GLN B 28 44.41 15.92 43.66
C GLN B 28 43.13 15.35 43.04
N GLU B 29 42.18 16.19 42.67
CA GLU B 29 40.97 15.70 42.02
C GLU B 29 41.08 15.50 40.51
N LEU B 30 41.83 16.36 39.81
CA LEU B 30 42.09 16.12 38.37
C LEU B 30 42.79 14.78 38.17
N GLN B 31 43.61 14.40 39.14
CA GLN B 31 44.33 13.16 39.08
C GLN B 31 43.41 11.96 39.27
N LEU B 32 42.60 12.01 40.33
CA LEU B 32 41.55 11.04 40.57
C LEU B 32 40.72 10.88 39.32
N HIS B 33 40.26 11.99 38.76
CA HIS B 33 39.42 11.96 37.57
C HIS B 33 40.12 11.21 36.39
N TYR B 34 41.41 11.47 36.20
CA TYR B 34 42.22 10.79 35.18
C TYR B 34 42.32 9.29 35.47
N PHE B 35 42.61 8.96 36.72
CA PHE B 35 42.72 7.58 37.09
C PHE B 35 41.37 6.91 36.74
N LYS B 36 40.28 7.50 37.17
CA LYS B 36 38.97 6.83 37.02
C LYS B 36 38.57 6.76 35.57
N MET B 37 38.89 7.79 34.82
CA MET B 37 38.56 7.84 33.40
C MET B 37 39.19 6.71 32.57
N HIS B 38 40.37 6.20 32.93
CA HIS B 38 40.97 5.11 32.19
C HIS B 38 40.90 3.78 32.90
N ASP B 39 40.11 3.75 33.97
CA ASP B 39 39.82 2.48 34.63
C ASP B 39 38.63 1.78 34.03
N TYR B 40 38.77 1.32 32.79
CA TYR B 40 37.59 0.89 32.00
C TYR B 40 36.85 -0.31 32.60
N ASP B 41 37.50 -1.21 33.33
CA ASP B 41 36.79 -2.34 33.93
C ASP B 41 36.39 -2.06 35.38
N GLY B 42 36.71 -0.85 35.86
CA GLY B 42 36.24 -0.37 37.17
C GLY B 42 36.77 -1.14 38.35
N ASN B 43 37.94 -1.76 38.22
CA ASN B 43 38.53 -2.48 39.34
C ASN B 43 39.52 -1.64 40.20
N ASN B 44 39.59 -0.34 39.95
CA ASN B 44 40.53 0.53 40.71
C ASN B 44 42.01 0.13 40.57
N LEU B 45 42.32 -0.45 39.41
CA LEU B 45 43.67 -0.75 39.03
C LEU B 45 43.85 -0.34 37.57
N LEU B 46 45.04 0.15 37.24
CA LEU B 46 45.37 0.49 35.87
C LEU B 46 46.32 -0.56 35.39
N ASP B 47 45.98 -1.21 34.30
CA ASP B 47 46.87 -2.19 33.69
C ASP B 47 47.38 -1.65 32.33
N GLY B 48 48.30 -2.37 31.73
CA GLY B 48 49.01 -1.84 30.60
C GLY B 48 48.09 -1.61 29.42
N LEU B 49 47.08 -2.44 29.26
CA LEU B 49 46.11 -2.30 28.13
C LEU B 49 45.30 -1.01 28.32
N GLU B 50 44.93 -0.73 29.57
CA GLU B 50 44.30 0.53 29.90
C GLU B 50 45.19 1.72 29.70
N LEU B 51 46.46 1.60 30.06
CA LEU B 51 47.40 2.72 29.81
C LEU B 51 47.63 2.89 28.33
N SER B 52 47.65 1.81 27.58
CA SER B 52 47.87 1.96 26.14
C SER B 52 46.75 2.76 25.51
N THR B 53 45.50 2.48 25.88
CA THR B 53 44.41 3.23 25.32
C THR B 53 44.50 4.69 25.75
N ALA B 54 44.93 4.96 26.98
CA ALA B 54 45.13 6.38 27.34
C ALA B 54 46.17 7.05 26.43
N ILE B 55 47.24 6.33 26.08
CA ILE B 55 48.38 6.90 25.38
C ILE B 55 47.98 7.08 23.98
N THR B 56 47.26 6.10 23.43
CA THR B 56 46.93 6.16 22.00
C THR B 56 45.71 7.05 21.72
N HIS B 57 44.99 7.49 22.75
CA HIS B 57 43.81 8.32 22.54
C HIS B 57 44.22 9.79 22.24
N PRO B 68 48.17 8.90 11.44
CA PRO B 68 48.66 7.52 11.58
C PRO B 68 48.86 7.11 13.03
N LEU B 69 48.79 5.82 13.30
CA LEU B 69 48.88 5.36 14.67
C LEU B 69 50.33 5.35 15.12
N MET B 70 50.54 5.47 16.42
CA MET B 70 51.89 5.44 16.90
C MET B 70 52.42 4.01 16.86
N SER B 71 53.74 3.87 16.79
CA SER B 71 54.38 2.59 16.68
C SER B 71 54.13 1.73 17.91
N GLU B 72 53.81 0.45 17.73
CA GLU B 72 53.67 -0.45 18.88
C GLU B 72 54.90 -0.50 19.79
N ASP B 73 56.07 -0.50 19.17
CA ASP B 73 57.36 -0.63 19.89
C ASP B 73 57.56 0.51 20.86
N GLU B 74 57.12 1.69 20.47
CA GLU B 74 57.28 2.84 21.32
C GLU B 74 56.21 2.85 22.40
N LEU B 75 55.03 2.37 22.04
CA LEU B 75 54.00 2.14 22.98
C LEU B 75 54.48 1.16 24.08
N ILE B 76 55.09 0.05 23.68
CA ILE B 76 55.68 -0.91 24.63
C ILE B 76 56.74 -0.30 25.57
N ASN B 77 57.58 0.60 25.04
CA ASN B 77 58.60 1.25 25.89
C ASN B 77 57.96 2.13 26.91
N ILE B 78 57.01 2.94 26.49
CA ILE B 78 56.38 3.85 27.40
C ILE B 78 55.75 3.05 28.52
N ILE B 79 54.97 2.06 28.18
CA ILE B 79 54.21 1.34 29.18
C ILE B 79 55.16 0.58 30.11
N ASP B 80 56.11 -0.08 29.53
CA ASP B 80 57.16 -0.75 30.32
C ASP B 80 57.87 0.21 31.28
N GLY B 81 58.08 1.45 30.84
CA GLY B 81 58.67 2.46 31.68
C GLY B 81 57.79 2.85 32.84
N VAL B 82 56.50 2.97 32.59
CA VAL B 82 55.56 3.36 33.63
C VAL B 82 55.49 2.26 34.72
N LEU B 83 55.48 0.99 34.30
CA LEU B 83 55.39 -0.12 35.24
C LEU B 83 56.73 -0.28 36.00
N ARG B 84 57.85 -0.17 35.30
CA ARG B 84 59.16 -0.16 35.95
C ARG B 84 59.22 0.92 37.04
N ASP B 85 58.79 2.13 36.72
CA ASP B 85 58.86 3.22 37.65
C ASP B 85 57.84 3.17 38.75
N ASP B 86 56.63 2.67 38.50
CA ASP B 86 55.54 2.87 39.49
C ASP B 86 54.90 1.61 40.09
N ASP B 87 55.13 0.45 39.44
CA ASP B 87 54.51 -0.79 39.87
C ASP B 87 55.41 -1.38 40.94
N LYS B 88 55.32 -0.79 42.15
CA LYS B 88 56.22 -1.12 43.25
C LYS B 88 56.14 -2.58 43.68
N ASN B 89 54.93 -3.14 43.74
CA ASN B 89 54.76 -4.56 44.09
C ASN B 89 54.82 -5.53 42.90
N ASN B 90 55.17 -5.04 41.72
CA ASN B 90 55.29 -5.90 40.52
C ASN B 90 54.09 -6.84 40.22
N ASP B 91 52.85 -6.36 40.40
CA ASP B 91 51.64 -7.16 40.08
C ASP B 91 51.08 -6.89 38.64
N GLY B 92 51.74 -6.01 37.88
CA GLY B 92 51.28 -5.60 36.56
C GLY B 92 50.15 -4.54 36.60
N TYR B 93 49.84 -4.03 37.77
CA TYR B 93 48.83 -2.99 37.87
C TYR B 93 49.41 -1.78 38.54
N ILE B 94 48.89 -0.59 38.25
CA ILE B 94 49.18 0.46 39.12
C ILE B 94 47.90 0.84 39.91
N ASP B 95 47.94 0.63 41.23
CA ASP B 95 46.83 1.02 42.09
C ASP B 95 46.87 2.49 42.39
N TYR B 96 45.89 2.94 43.14
CA TYR B 96 45.75 4.35 43.36
C TYR B 96 46.93 4.89 44.16
N ALA B 97 47.39 4.14 45.15
CA ALA B 97 48.50 4.58 45.99
C ALA B 97 49.75 4.69 45.10
N GLU B 98 49.97 3.70 44.25
CA GLU B 98 51.13 3.73 43.33
C GLU B 98 51.03 4.94 42.40
N PHE B 99 49.81 5.25 41.97
CA PHE B 99 49.50 6.40 41.12
C PHE B 99 49.74 7.72 41.82
N ALA B 100 49.26 7.84 43.05
CA ALA B 100 49.37 9.08 43.80
C ALA B 100 50.85 9.34 44.12
N LYS B 101 51.59 8.27 44.40
CA LYS B 101 53.03 8.32 44.68
C LYS B 101 53.82 8.75 43.44
N SER B 102 53.44 8.25 42.27
CA SER B 102 54.09 8.70 41.04
C SER B 102 53.93 10.22 40.78
N LEU B 103 53.09 10.94 41.57
CA LEU B 103 52.69 12.36 41.29
C LEU B 103 53.10 13.49 42.28
N PRO C 19 7.70 -7.39 -21.63
CA PRO C 19 9.13 -6.96 -21.60
C PRO C 19 10.11 -8.14 -21.42
N HIS C 20 11.10 -8.25 -22.29
CA HIS C 20 12.04 -9.39 -22.28
C HIS C 20 13.12 -9.20 -21.19
N ARG C 21 13.44 -10.28 -20.46
CA ARG C 21 14.49 -10.24 -19.43
C ARG C 21 15.74 -10.92 -19.93
N ARG C 22 16.88 -10.26 -19.77
CA ARG C 22 18.16 -10.89 -19.99
C ARG C 22 18.99 -10.95 -18.69
N PHE C 23 19.35 -12.15 -18.22
CA PHE C 23 20.20 -12.28 -17.04
C PHE C 23 21.60 -11.75 -17.35
N GLU C 24 22.12 -10.96 -16.42
CA GLU C 24 23.42 -10.28 -16.56
C GLU C 24 24.41 -10.82 -15.52
N TYR C 25 25.22 -11.80 -15.91
CA TYR C 25 26.09 -12.46 -14.92
C TYR C 25 27.09 -11.48 -14.28
N LYS C 26 27.52 -10.49 -15.03
CA LYS C 26 28.65 -9.67 -14.64
C LYS C 26 28.25 -8.69 -13.56
N TYR C 27 26.95 -8.54 -13.34
CA TYR C 27 26.42 -7.62 -12.32
C TYR C 27 25.68 -8.39 -11.25
N SER C 28 26.10 -9.64 -11.03
CA SER C 28 25.40 -10.56 -10.19
C SER C 28 26.35 -11.43 -9.36
N PHE C 29 25.84 -11.95 -8.25
CA PHE C 29 26.52 -12.95 -7.49
C PHE C 29 25.52 -13.85 -6.77
N LYS C 30 25.96 -15.07 -6.47
CA LYS C 30 25.18 -16.01 -5.71
C LYS C 30 26.04 -17.21 -5.36
N GLY C 31 25.49 -18.04 -4.48
CA GLY C 31 26.11 -19.33 -4.15
C GLY C 31 25.62 -20.41 -5.11
N PRO C 32 26.07 -21.66 -4.92
CA PRO C 32 26.81 -22.16 -3.79
C PRO C 32 28.34 -22.12 -3.89
N HIS C 33 28.89 -21.44 -4.89
CA HIS C 33 30.34 -21.22 -4.97
C HIS C 33 30.56 -19.74 -5.20
N LEU C 34 30.07 -18.94 -4.27
CA LEU C 34 30.02 -17.49 -4.45
C LEU C 34 31.40 -16.89 -4.37
N VAL C 35 32.23 -17.32 -3.41
CA VAL C 35 33.59 -16.82 -3.34
C VAL C 35 34.58 -17.67 -4.06
N GLN C 36 35.60 -17.01 -4.57
CA GLN C 36 36.72 -17.70 -5.19
C GLN C 36 37.73 -18.09 -4.13
N SER C 37 38.67 -18.93 -4.54
CA SER C 37 39.66 -19.49 -3.60
C SER C 37 40.58 -18.41 -2.99
N ASP C 38 40.71 -17.24 -3.61
CA ASP C 38 41.36 -16.10 -2.94
C ASP C 38 40.41 -15.26 -2.06
N GLY C 39 39.19 -15.73 -1.77
CA GLY C 39 38.24 -14.95 -0.95
C GLY C 39 37.59 -13.73 -1.59
N THR C 40 37.70 -13.58 -2.91
CA THR C 40 36.99 -12.52 -3.66
C THR C 40 35.70 -13.05 -4.30
N VAL C 41 34.80 -12.11 -4.56
CA VAL C 41 33.58 -12.35 -5.27
C VAL C 41 33.86 -11.91 -6.70
N PRO C 42 33.74 -12.83 -7.67
CA PRO C 42 33.95 -12.44 -9.06
C PRO C 42 33.10 -11.25 -9.50
N PHE C 43 33.78 -10.26 -10.08
CA PHE C 43 33.14 -9.10 -10.73
C PHE C 43 32.70 -8.04 -9.73
N TRP C 44 32.90 -8.30 -8.43
CA TRP C 44 32.56 -7.33 -7.40
C TRP C 44 33.70 -7.06 -6.48
N ALA C 45 33.71 -5.87 -5.94
CA ALA C 45 34.73 -5.46 -4.96
C ALA C 45 33.99 -5.35 -3.66
N HIS C 46 34.61 -5.86 -2.62
CA HIS C 46 34.08 -5.70 -1.29
C HIS C 46 35.00 -4.90 -0.41
N ALA C 47 34.45 -4.30 0.63
CA ALA C 47 35.26 -3.48 1.52
C ALA C 47 34.68 -3.48 2.92
N GLY C 48 35.44 -2.87 3.83
CA GLY C 48 35.09 -2.79 5.21
C GLY C 48 35.16 -4.17 5.75
N ASN C 49 34.14 -4.54 6.54
CA ASN C 49 34.10 -5.83 7.16
C ASN C 49 33.15 -6.84 6.52
N ALA C 50 32.71 -6.59 5.29
CA ALA C 50 31.96 -7.60 4.52
C ALA C 50 32.74 -8.91 4.44
N ILE C 51 32.12 -10.03 4.81
CA ILE C 51 32.76 -11.34 4.65
C ILE C 51 32.04 -12.20 3.59
N PRO C 52 32.67 -12.36 2.44
CA PRO C 52 32.09 -13.28 1.45
C PRO C 52 32.33 -14.72 1.86
N SER C 53 31.34 -15.57 1.74
CA SER C 53 31.50 -17.00 1.90
C SER C 53 30.86 -17.74 0.72
N SER C 54 30.84 -19.06 0.76
CA SER C 54 30.42 -19.80 -0.42
C SER C 54 28.94 -19.61 -0.78
N ASP C 55 28.08 -19.34 0.19
CA ASP C 55 26.64 -19.23 -0.11
C ASP C 55 25.97 -17.90 0.24
N GLN C 56 26.75 -16.95 0.76
CA GLN C 56 26.24 -15.60 1.07
C GLN C 56 27.37 -14.68 1.41
N ILE C 57 27.08 -13.38 1.39
CA ILE C 57 28.02 -12.39 1.89
C ILE C 57 27.48 -11.79 3.18
N ARG C 58 28.24 -11.89 4.26
CA ARG C 58 27.83 -11.23 5.49
C ARG C 58 28.31 -9.82 5.36
N VAL C 59 27.45 -8.97 4.85
CA VAL C 59 27.84 -7.62 4.52
C VAL C 59 28.27 -6.82 5.78
N ALA C 60 27.59 -7.06 6.90
CA ALA C 60 28.03 -6.50 8.17
C ALA C 60 27.56 -7.42 9.25
N PRO C 61 28.50 -7.94 10.05
CA PRO C 61 28.14 -8.93 11.03
C PRO C 61 27.60 -8.23 12.26
N SER C 62 27.06 -9.03 13.17
CA SER C 62 26.42 -8.54 14.36
C SER C 62 27.43 -8.13 15.45
N LEU C 63 28.35 -7.24 15.09
CA LEU C 63 29.32 -6.65 16.04
C LEU C 63 29.09 -5.14 16.06
N LYS C 64 29.59 -4.51 17.11
CA LYS C 64 29.45 -3.07 17.26
C LYS C 64 30.15 -2.30 16.16
N SER C 65 29.45 -1.27 15.66
CA SER C 65 30.02 -0.25 14.79
C SER C 65 30.69 -0.78 13.56
N GLN C 66 29.98 -1.55 12.75
CA GLN C 66 30.58 -2.21 11.60
C GLN C 66 30.11 -1.51 10.37
N ARG C 67 30.95 -1.55 9.35
CA ARG C 67 30.55 -1.17 7.99
C ARG C 67 31.05 -2.20 7.00
N GLY C 68 30.25 -2.47 5.99
CA GLY C 68 30.75 -3.28 4.87
C GLY C 68 30.02 -2.96 3.61
N SER C 69 30.64 -3.24 2.48
CA SER C 69 29.93 -3.09 1.25
C SER C 69 30.47 -3.98 0.17
N VAL C 70 29.70 -4.07 -0.90
CA VAL C 70 30.02 -4.89 -2.07
C VAL C 70 29.47 -4.17 -3.28
N TRP C 71 30.34 -3.85 -4.23
CA TRP C 71 29.96 -3.06 -5.40
C TRP C 71 30.51 -3.72 -6.66
N THR C 72 29.79 -3.56 -7.75
CA THR C 72 30.25 -4.04 -9.06
C THR C 72 31.51 -3.31 -9.46
N LYS C 73 32.47 -4.03 -10.00
CA LYS C 73 33.69 -3.42 -10.48
C LYS C 73 33.47 -2.47 -11.65
N THR C 74 32.53 -2.77 -12.55
CA THR C 74 32.27 -1.91 -13.69
C THR C 74 30.87 -1.38 -13.66
N LYS C 75 30.66 -0.40 -14.52
CA LYS C 75 29.36 0.22 -14.65
C LYS C 75 28.50 -0.59 -15.60
N ALA C 76 27.21 -0.66 -15.29
CA ALA C 76 26.20 -1.17 -16.19
C ALA C 76 25.61 0.01 -16.98
N ALA C 77 25.25 -0.25 -18.23
CA ALA C 77 24.58 0.73 -19.09
C ALA C 77 23.30 0.10 -19.60
N PHE C 78 22.26 0.10 -18.78
CA PHE C 78 20.98 -0.47 -19.17
C PHE C 78 19.89 0.58 -19.06
N GLU C 79 19.13 0.76 -20.14
CA GLU C 79 17.99 1.67 -20.11
C GLU C 79 17.03 1.25 -19.00
N ASN C 80 16.77 -0.05 -18.95
CA ASN C 80 15.89 -0.60 -17.96
C ASN C 80 16.48 -1.85 -17.34
N TRP C 81 16.20 -2.04 -16.07
CA TRP C 81 16.73 -3.18 -15.38
C TRP C 81 15.85 -3.62 -14.24
N GLU C 82 16.19 -4.79 -13.71
CA GLU C 82 15.54 -5.37 -12.55
C GLU C 82 16.60 -6.11 -11.76
N VAL C 83 16.65 -5.88 -10.44
CA VAL C 83 17.51 -6.66 -9.59
C VAL C 83 16.69 -7.39 -8.55
N GLU C 84 17.05 -8.64 -8.26
CA GLU C 84 16.46 -9.39 -7.15
C GLU C 84 17.54 -9.71 -6.15
N VAL C 85 17.37 -9.15 -4.95
CA VAL C 85 18.33 -9.28 -3.87
C VAL C 85 17.69 -10.08 -2.77
N THR C 86 18.32 -11.19 -2.42
CA THR C 86 17.79 -12.10 -1.42
C THR C 86 18.68 -11.99 -0.22
N PHE C 87 18.10 -11.72 0.95
CA PHE C 87 18.89 -11.39 2.10
C PHE C 87 18.24 -11.82 3.38
N ARG C 88 19.03 -11.91 4.46
CA ARG C 88 18.50 -12.03 5.82
C ARG C 88 19.10 -10.94 6.71
N VAL C 89 18.27 -10.35 7.56
CA VAL C 89 18.71 -9.48 8.66
C VAL C 89 18.26 -10.12 9.98
N THR C 90 19.23 -10.54 10.78
CA THR C 90 18.99 -11.42 11.92
C THR C 90 19.68 -10.85 13.17
N GLY C 91 18.95 -10.83 14.28
CA GLY C 91 19.39 -10.23 15.54
C GLY C 91 18.55 -10.74 16.72
N ARG C 92 19.15 -10.84 17.90
CA ARG C 92 18.42 -11.22 19.16
C ARG C 92 17.22 -10.32 19.47
N GLY C 93 17.39 -9.01 19.44
CA GLY C 93 16.27 -8.11 19.76
C GLY C 93 15.06 -8.08 18.84
N ARG C 94 13.93 -7.66 19.42
CA ARG C 94 12.82 -7.10 18.66
C ARG C 94 13.28 -5.76 18.03
N ILE C 95 14.37 -5.17 18.55
CA ILE C 95 15.01 -4.02 17.90
C ILE C 95 16.40 -4.39 17.35
N GLY C 96 16.75 -3.86 16.18
CA GLY C 96 18.06 -4.08 15.59
C GLY C 96 18.61 -2.84 14.89
N ALA C 97 19.85 -2.91 14.40
CA ALA C 97 20.42 -1.78 13.66
C ALA C 97 21.63 -2.21 12.87
N ASP C 98 22.06 -1.44 11.88
CA ASP C 98 21.35 -0.27 11.37
C ASP C 98 20.46 -0.58 10.18
N GLY C 99 20.89 -1.55 9.37
CA GLY C 99 20.15 -1.94 8.21
C GLY C 99 21.06 -2.03 7.02
N LEU C 100 20.41 -2.13 5.87
CA LEU C 100 21.02 -2.59 4.64
C LEU C 100 20.55 -1.70 3.51
N ALA C 101 21.43 -1.40 2.57
CA ALA C 101 21.07 -0.53 1.46
C ALA C 101 21.39 -1.22 0.17
N ILE C 102 20.55 -1.01 -0.83
CA ILE C 102 20.79 -1.46 -2.20
C ILE C 102 21.00 -0.22 -3.05
N TRP C 103 21.99 -0.24 -3.93
CA TRP C 103 22.43 0.95 -4.62
C TRP C 103 22.46 0.80 -6.11
N TYR C 104 22.04 1.86 -6.80
CA TYR C 104 22.49 2.12 -8.18
C TYR C 104 23.01 3.53 -8.23
N ALA C 105 24.29 3.70 -8.59
CA ALA C 105 24.93 5.00 -8.51
C ALA C 105 26.10 5.14 -9.44
N GLU C 106 26.36 6.39 -9.82
CA GLU C 106 27.41 6.75 -10.77
C GLU C 106 28.72 6.18 -10.30
N ASN C 107 29.04 6.46 -9.03
CA ASN C 107 30.34 6.07 -8.44
C ASN C 107 30.24 4.98 -7.36
N GLN C 108 31.20 4.05 -7.36
CA GLN C 108 31.34 3.09 -6.28
C GLN C 108 31.43 3.84 -4.98
N GLY C 109 30.52 3.56 -4.05
CA GLY C 109 30.57 4.13 -2.70
C GLY C 109 31.04 3.11 -1.68
N LEU C 110 32.24 2.57 -1.88
CA LEU C 110 32.75 1.45 -1.06
C LEU C 110 32.80 1.61 0.47
N GLU C 111 33.33 2.73 0.96
CA GLU C 111 33.33 3.02 2.40
C GLU C 111 32.60 4.34 2.61
N GLY C 112 31.98 4.52 3.77
CA GLY C 112 31.27 5.76 4.11
C GLY C 112 30.21 5.57 5.18
N PRO C 113 29.55 6.67 5.60
CA PRO C 113 28.67 6.64 6.74
C PRO C 113 27.21 6.32 6.43
N VAL C 114 26.86 6.14 5.16
CA VAL C 114 25.45 5.82 4.80
C VAL C 114 25.26 4.30 4.61
N PHE C 115 24.73 3.68 5.64
CA PHE C 115 24.70 2.25 5.73
C PHE C 115 25.99 1.63 5.17
N GLY C 116 27.11 2.17 5.60
CA GLY C 116 28.40 1.62 5.27
C GLY C 116 28.98 2.10 3.98
N SER C 117 28.21 2.84 3.20
CA SER C 117 28.69 3.37 1.94
C SER C 117 28.76 4.91 1.92
N ALA C 118 29.40 5.42 0.87
CA ALA C 118 29.57 6.87 0.61
C ALA C 118 28.25 7.68 0.55
N ASP C 119 28.23 8.81 1.25
CA ASP C 119 27.17 9.83 1.17
C ASP C 119 27.31 10.57 -0.17
N LEU C 120 26.35 11.47 -0.48
CA LEU C 120 26.46 12.32 -1.68
C LEU C 120 26.67 11.48 -2.94
N TRP C 121 25.80 10.49 -3.12
CA TRP C 121 25.87 9.58 -4.24
C TRP C 121 25.03 10.21 -5.32
N ASN C 122 25.34 9.88 -6.57
CA ASN C 122 24.48 10.29 -7.68
C ASN C 122 23.70 9.09 -8.18
N GLY C 123 22.43 9.01 -7.78
CA GLY C 123 21.55 7.95 -8.25
C GLY C 123 20.61 7.59 -7.12
N VAL C 124 20.30 6.30 -6.97
CA VAL C 124 19.30 5.86 -6.02
C VAL C 124 19.80 4.83 -4.96
N GLY C 125 19.38 5.04 -3.72
CA GLY C 125 19.58 4.12 -2.63
C GLY C 125 18.22 3.63 -2.22
N ILE C 126 18.09 2.32 -2.01
CA ILE C 126 16.90 1.76 -1.38
C ILE C 126 17.31 1.24 0.00
N PHE C 127 16.80 1.87 1.07
CA PHE C 127 17.32 1.67 2.38
C PHE C 127 16.40 0.87 3.22
N PHE C 128 16.94 -0.23 3.75
CA PHE C 128 16.21 -1.09 4.62
C PHE C 128 16.67 -0.75 6.01
N ASP C 129 15.89 0.11 6.64
CA ASP C 129 16.33 0.83 7.83
C ASP C 129 15.65 0.21 9.04
N SER C 130 16.43 -0.51 9.81
CA SER C 130 15.96 -1.21 10.99
C SER C 130 15.70 -0.27 12.17
N PHE C 131 16.48 0.79 12.27
CA PHE C 131 16.57 1.51 13.55
C PHE C 131 15.93 2.89 13.46
N ASP C 132 14.96 3.06 14.34
CA ASP C 132 14.09 4.25 14.43
C ASP C 132 14.82 5.45 15.07
N ASN C 133 15.64 6.11 14.27
CA ASN C 133 16.53 7.16 14.75
C ASN C 133 15.75 8.38 15.31
N ASP C 134 14.67 8.76 14.64
CA ASP C 134 13.81 9.89 15.03
C ASP C 134 12.63 9.48 15.93
N GLY C 135 12.69 8.30 16.54
CA GLY C 135 11.68 7.85 17.51
C GLY C 135 10.23 7.88 17.10
N LYS C 136 9.94 7.86 15.79
CA LYS C 136 8.55 7.88 15.25
C LYS C 136 7.79 6.52 15.17
N LYS C 137 8.31 5.48 15.85
CA LYS C 137 7.71 4.13 15.86
C LYS C 137 7.21 3.63 14.47
N ASN C 138 7.99 3.94 13.45
CA ASN C 138 7.69 3.55 12.09
C ASN C 138 8.85 2.75 11.41
N ASN C 139 9.42 1.80 12.15
CA ASN C 139 10.51 0.95 11.66
C ASN C 139 10.25 -0.47 12.09
N PRO C 140 10.77 -1.46 11.34
CA PRO C 140 11.62 -1.29 10.16
C PRO C 140 10.90 -0.66 8.98
N ALA C 141 11.65 0.10 8.19
CA ALA C 141 11.10 0.76 7.02
C ALA C 141 11.99 0.56 5.84
N ILE C 142 11.40 0.69 4.66
CA ILE C 142 12.12 0.66 3.40
C ILE C 142 11.90 2.00 2.74
N VAL C 143 12.99 2.65 2.38
CA VAL C 143 12.94 4.03 1.97
C VAL C 143 13.68 4.20 0.68
N ILE C 144 13.04 4.80 -0.31
CA ILE C 144 13.73 5.11 -1.57
C ILE C 144 14.23 6.53 -1.56
N ILE C 145 15.52 6.73 -1.83
CA ILE C 145 16.11 8.06 -1.80
C ILE C 145 16.97 8.28 -3.03
N GLY C 146 16.52 9.22 -3.86
CA GLY C 146 17.28 9.67 -5.01
C GLY C 146 18.25 10.71 -4.52
N ASN C 147 19.31 10.92 -5.27
CA ASN C 147 20.30 11.90 -4.87
C ASN C 147 21.07 12.28 -6.13
N ASN C 148 21.67 13.47 -6.12
CA ASN C 148 22.24 14.09 -7.32
C ASN C 148 23.68 14.50 -7.11
N GLY C 149 24.28 14.04 -6.01
CA GLY C 149 25.67 14.35 -5.69
C GLY C 149 25.80 15.35 -4.56
N GLN C 150 24.68 15.90 -4.11
CA GLN C 150 24.71 17.03 -3.18
C GLN C 150 23.92 16.88 -1.88
N ILE C 151 23.04 15.89 -1.77
CA ILE C 151 22.25 15.69 -0.54
C ILE C 151 23.03 14.86 0.49
N HIS C 152 23.19 15.39 1.69
CA HIS C 152 23.77 14.64 2.80
C HIS C 152 22.65 13.83 3.41
N TYR C 153 22.83 12.51 3.47
CA TYR C 153 21.77 11.66 4.01
C TYR C 153 21.45 12.01 5.46
N ASP C 154 20.16 12.16 5.72
CA ASP C 154 19.64 12.52 7.02
C ASP C 154 19.43 11.29 7.88
N HIS C 155 20.53 10.82 8.47
CA HIS C 155 20.55 9.73 9.47
C HIS C 155 19.53 9.84 10.59
N GLN C 156 19.49 11.01 11.23
CA GLN C 156 18.68 11.18 12.45
C GLN C 156 17.19 11.02 12.20
N ASN C 157 16.72 11.36 10.99
CA ASN C 157 15.30 11.24 10.64
C ASN C 157 14.96 10.06 9.71
N ASP C 158 15.86 9.08 9.63
CA ASP C 158 15.64 7.91 8.78
C ASP C 158 15.31 8.35 7.37
N GLY C 159 15.98 9.39 6.90
CA GLY C 159 15.72 10.00 5.60
C GLY C 159 14.29 10.45 5.32
N ALA C 160 13.48 10.65 6.35
CA ALA C 160 12.03 10.92 6.18
C ALA C 160 11.71 12.10 5.24
N SER C 161 12.51 13.16 5.30
CA SER C 161 12.25 14.34 4.49
C SER C 161 12.80 14.19 3.08
N GLN C 162 13.79 13.31 2.90
CA GLN C 162 14.43 13.09 1.60
C GLN C 162 13.81 11.94 0.76
N ALA C 163 12.86 11.22 1.35
CA ALA C 163 12.30 10.02 0.77
C ALA C 163 11.31 10.32 -0.35
N LEU C 164 11.66 9.91 -1.56
CA LEU C 164 10.75 9.91 -2.66
C LEU C 164 9.56 9.00 -2.40
N ALA C 165 9.75 7.96 -1.59
CA ALA C 165 8.66 7.04 -1.27
C ALA C 165 9.12 6.00 -0.26
N SER C 166 8.17 5.34 0.38
CA SER C 166 8.55 4.45 1.43
C SER C 166 7.45 3.51 1.81
N CYS C 167 7.80 2.47 2.54
CA CYS C 167 6.80 1.57 3.10
C CYS C 167 7.31 1.08 4.43
N GLN C 168 6.41 0.53 5.22
CA GLN C 168 6.79 -0.07 6.46
C GLN C 168 6.70 -1.56 6.26
N ARG C 169 7.73 -2.30 6.67
CA ARG C 169 7.80 -3.72 6.38
C ARG C 169 8.87 -4.28 7.26
N ASP C 170 8.50 -5.24 8.09
CA ASP C 170 9.43 -5.79 9.04
C ASP C 170 10.25 -6.92 8.37
N PHE C 171 11.44 -6.57 7.89
CA PHE C 171 12.26 -7.52 7.16
C PHE C 171 13.22 -8.32 8.03
N ARG C 172 13.08 -8.23 9.36
CA ARG C 172 14.03 -8.84 10.26
C ARG C 172 13.54 -10.17 10.78
N ASN C 173 14.46 -11.10 10.95
CA ASN C 173 14.19 -12.32 11.69
C ASN C 173 13.01 -13.11 11.10
N LYS C 174 13.00 -13.30 9.79
CA LYS C 174 11.93 -14.05 9.11
C LYS C 174 12.34 -15.48 8.77
N PRO C 175 11.36 -16.40 8.66
CA PRO C 175 11.75 -17.82 8.59
C PRO C 175 12.42 -18.23 7.29
N TYR C 176 12.10 -17.54 6.22
CA TYR C 176 12.80 -17.68 4.97
C TYR C 176 13.43 -16.32 4.61
N PRO C 177 14.35 -16.29 3.61
CA PRO C 177 14.99 -15.07 3.20
C PRO C 177 14.04 -14.09 2.67
N VAL C 178 14.28 -12.82 2.94
CA VAL C 178 13.51 -11.74 2.39
C VAL C 178 14.06 -11.41 1.00
N ARG C 179 13.18 -10.94 0.11
CA ARG C 179 13.58 -10.64 -1.25
C ARG C 179 13.04 -9.29 -1.60
N ALA C 180 13.91 -8.48 -2.16
CA ALA C 180 13.56 -7.22 -2.76
C ALA C 180 13.74 -7.29 -4.27
N LYS C 181 12.64 -7.10 -5.01
CA LYS C 181 12.68 -6.98 -6.47
C LYS C 181 12.55 -5.50 -6.76
N ILE C 182 13.54 -4.95 -7.42
CA ILE C 182 13.63 -3.53 -7.66
C ILE C 182 13.76 -3.30 -9.14
N THR C 183 12.74 -2.69 -9.72
CA THR C 183 12.58 -2.61 -11.17
C THR C 183 12.65 -1.17 -11.62
N TYR C 184 13.50 -0.89 -12.60
CA TYR C 184 13.53 0.41 -13.26
C TYR C 184 13.06 0.23 -14.71
N TYR C 185 11.83 0.65 -14.99
CA TYR C 185 11.24 0.41 -16.29
C TYR C 185 10.36 1.58 -16.70
N GLN C 186 10.66 2.14 -17.88
CA GLN C 186 9.96 3.30 -18.44
C GLN C 186 9.91 4.39 -17.41
N ASN C 187 11.08 4.73 -16.91
CA ASN C 187 11.26 5.79 -15.93
C ASN C 187 10.61 5.63 -14.56
N THR C 188 9.94 4.50 -14.30
CA THR C 188 9.40 4.24 -12.93
C THR C 188 10.19 3.16 -12.12
N LEU C 189 10.57 3.52 -10.89
CA LEU C 189 11.30 2.65 -9.98
C LEU C 189 10.32 2.04 -9.02
N THR C 190 10.12 0.73 -9.10
CA THR C 190 9.21 0.00 -8.21
C THR C 190 10.00 -0.88 -7.26
N VAL C 191 9.49 -1.03 -6.05
CA VAL C 191 10.08 -1.92 -5.09
C VAL C 191 9.01 -2.87 -4.63
N MET C 192 9.27 -4.16 -4.79
CA MET C 192 8.41 -5.23 -4.32
C MET C 192 9.21 -6.05 -3.30
N ILE C 193 8.54 -6.59 -2.30
CA ILE C 193 9.19 -7.29 -1.25
C ILE C 193 8.47 -8.57 -0.99
N ASN C 194 9.26 -9.65 -0.89
CA ASN C 194 8.78 -10.94 -0.42
C ASN C 194 9.28 -10.99 1.00
N ASN C 195 8.34 -11.00 1.94
CA ASN C 195 8.64 -10.75 3.35
C ASN C 195 9.15 -11.99 4.07
N GLY C 196 9.34 -13.09 3.36
CA GLY C 196 9.99 -14.27 3.97
C GLY C 196 9.14 -15.07 4.91
N PHE C 197 7.84 -14.94 4.77
CA PHE C 197 6.92 -15.79 5.51
C PHE C 197 6.74 -17.13 4.83
N THR C 198 6.96 -17.22 3.51
CA THR C 198 6.74 -18.50 2.77
C THR C 198 7.91 -18.91 1.91
N PRO C 199 7.96 -20.18 1.51
CA PRO C 199 9.11 -20.70 0.76
C PRO C 199 9.00 -20.28 -0.69
N ASP C 200 7.93 -19.58 -1.02
CA ASP C 200 7.62 -19.30 -2.40
C ASP C 200 8.36 -18.07 -2.77
N LYS C 201 9.46 -18.23 -3.50
CA LYS C 201 10.28 -17.08 -3.78
C LYS C 201 9.59 -16.01 -4.63
N ASN C 202 8.39 -16.29 -5.14
CA ASN C 202 7.65 -15.29 -5.91
C ASN C 202 6.49 -14.60 -5.20
N ASP C 203 6.31 -14.81 -3.90
CA ASP C 203 5.22 -14.17 -3.18
C ASP C 203 5.63 -12.76 -2.76
N TYR C 204 5.67 -11.89 -3.76
CA TYR C 204 5.97 -10.48 -3.60
C TYR C 204 4.71 -9.62 -3.29
N GLU C 205 4.89 -8.59 -2.47
CA GLU C 205 3.85 -7.61 -2.17
C GLU C 205 4.42 -6.23 -2.52
N PHE C 206 3.55 -5.34 -3.00
CA PHE C 206 3.95 -3.99 -3.33
C PHE C 206 4.49 -3.27 -2.12
N CYS C 207 5.54 -2.48 -2.32
CA CYS C 207 6.11 -1.70 -1.23
C CYS C 207 6.10 -0.21 -1.57
N ALA C 208 6.67 0.18 -2.72
CA ALA C 208 6.76 1.57 -3.10
C ALA C 208 7.13 1.72 -4.54
N LYS C 209 7.03 2.95 -5.01
CA LYS C 209 7.01 3.26 -6.42
C LYS C 209 7.35 4.74 -6.58
N VAL C 210 8.09 5.08 -7.63
CA VAL C 210 8.41 6.44 -7.92
C VAL C 210 8.33 6.61 -9.43
N GLU C 211 7.40 7.46 -9.89
CA GLU C 211 7.21 7.73 -11.33
C GLU C 211 8.21 8.81 -11.69
N ASN C 212 8.62 8.82 -12.95
CA ASN C 212 9.53 9.86 -13.49
C ASN C 212 10.80 10.03 -12.71
N MET C 213 11.39 8.90 -12.36
CA MET C 213 12.67 8.85 -11.69
C MET C 213 13.76 8.99 -12.75
N ILE C 214 14.67 9.92 -12.52
CA ILE C 214 15.87 10.05 -13.35
C ILE C 214 17.06 9.56 -12.55
N ILE C 215 17.88 8.76 -13.20
CA ILE C 215 19.09 8.18 -12.61
C ILE C 215 20.12 8.12 -13.73
N PRO C 216 21.41 8.08 -13.40
CA PRO C 216 22.38 8.04 -14.47
C PRO C 216 22.13 6.91 -15.48
N ALA C 217 22.68 7.09 -16.67
CA ALA C 217 22.57 6.10 -17.75
C ALA C 217 23.63 5.01 -17.56
N GLN C 218 24.64 5.31 -16.76
CA GLN C 218 25.61 4.32 -16.36
C GLN C 218 25.81 4.36 -14.86
N GLY C 219 25.80 3.18 -14.23
CA GLY C 219 26.06 3.09 -12.81
C GLY C 219 26.63 1.76 -12.37
N HIS C 220 27.25 1.79 -11.18
CA HIS C 220 27.60 0.62 -10.41
C HIS C 220 26.41 0.22 -9.57
N PHE C 221 26.14 -1.08 -9.51
CA PHE C 221 25.18 -1.58 -8.53
C PHE C 221 25.98 -1.85 -7.28
N GLY C 222 25.32 -1.76 -6.14
CA GLY C 222 26.01 -2.09 -4.90
C GLY C 222 25.08 -2.49 -3.78
N ILE C 223 25.67 -3.05 -2.73
CA ILE C 223 24.93 -3.37 -1.54
C ILE C 223 25.81 -3.08 -0.33
N SER C 224 25.23 -2.53 0.74
CA SER C 224 26.01 -2.22 1.92
C SER C 224 25.22 -2.31 3.21
N ALA C 225 25.92 -2.36 4.35
CA ALA C 225 25.26 -2.41 5.64
C ALA C 225 26.11 -1.84 6.75
N ALA C 226 25.49 -1.56 7.88
CA ALA C 226 26.21 -1.05 9.06
C ALA C 226 25.52 -1.39 10.35
N THR C 227 26.29 -1.32 11.44
CA THR C 227 25.76 -1.50 12.78
C THR C 227 26.27 -0.39 13.71
N GLY C 228 25.74 -0.34 14.93
CA GLY C 228 26.13 0.69 15.91
C GLY C 228 26.40 0.00 17.22
N GLY C 229 25.77 0.49 18.28
CA GLY C 229 25.76 -0.18 19.55
C GLY C 229 24.84 -1.39 19.52
N LEU C 230 23.69 -1.29 18.86
CA LEU C 230 22.96 -2.50 18.45
C LEU C 230 23.46 -2.95 17.06
N ALA C 231 23.43 -4.26 16.84
CA ALA C 231 23.95 -4.85 15.63
C ALA C 231 23.25 -6.14 15.25
N ASP C 232 22.75 -6.21 14.02
CA ASP C 232 22.30 -7.44 13.41
C ASP C 232 23.35 -7.99 12.50
N ASP C 233 23.24 -9.27 12.16
CA ASP C 233 23.94 -9.82 11.00
C ASP C 233 23.16 -9.45 9.75
N HIS C 234 23.83 -8.83 8.80
CA HIS C 234 23.24 -8.50 7.52
C HIS C 234 23.82 -9.38 6.38
N ASP C 235 23.02 -10.31 5.88
CA ASP C 235 23.50 -11.30 4.94
C ASP C 235 22.79 -11.18 3.58
N VAL C 236 23.56 -11.14 2.50
CA VAL C 236 22.99 -11.18 1.16
C VAL C 236 23.33 -12.52 0.49
N LEU C 237 22.31 -13.34 0.24
CA LEU C 237 22.48 -14.69 -0.37
C LEU C 237 22.75 -14.54 -1.85
N SER C 238 22.07 -13.56 -2.46
CA SER C 238 22.24 -13.38 -3.89
C SER C 238 21.80 -12.00 -4.34
N PHE C 239 22.45 -11.54 -5.40
CA PHE C 239 22.12 -10.31 -6.05
C PHE C 239 22.07 -10.68 -7.53
N LEU C 240 20.88 -10.60 -8.12
CA LEU C 240 20.68 -11.07 -9.47
C LEU C 240 20.10 -9.94 -10.32
N THR C 241 20.86 -9.59 -11.35
CA THR C 241 20.59 -8.45 -12.19
C THR C 241 20.09 -8.88 -13.60
N PHE C 242 19.01 -8.25 -14.05
CA PHE C 242 18.46 -8.46 -15.39
C PHE C 242 18.36 -7.14 -16.14
N GLN C 243 18.76 -7.18 -17.41
CA GLN C 243 18.42 -6.13 -18.38
C GLN C 243 17.01 -6.38 -18.94
N LEU C 244 16.16 -5.34 -18.93
CA LEU C 244 14.85 -5.39 -19.60
C LEU C 244 14.92 -4.65 -20.96
N THR C 245 14.23 -5.20 -21.97
CA THR C 245 14.08 -4.48 -23.28
C THR C 245 12.66 -4.55 -23.82
N PRO D 27 25.73 -41.28 -24.68
CA PRO D 27 26.32 -40.25 -25.56
C PRO D 27 25.52 -38.94 -25.50
N GLN D 28 24.19 -39.08 -25.59
CA GLN D 28 23.14 -38.09 -25.21
C GLN D 28 22.91 -38.00 -23.69
N GLU D 29 23.15 -39.07 -22.93
CA GLU D 29 23.11 -39.01 -21.46
C GLU D 29 24.40 -38.45 -20.83
N LEU D 30 25.54 -38.73 -21.45
CA LEU D 30 26.79 -38.06 -21.09
C LEU D 30 26.70 -36.55 -21.23
N GLN D 31 26.01 -36.09 -22.25
CA GLN D 31 25.86 -34.67 -22.48
C GLN D 31 24.96 -34.05 -21.40
N LEU D 32 23.81 -34.68 -21.16
CA LEU D 32 22.90 -34.29 -20.07
C LEU D 32 23.66 -34.20 -18.78
N HIS D 33 24.40 -35.24 -18.47
CA HIS D 33 25.19 -35.27 -17.24
C HIS D 33 26.20 -34.07 -17.12
N TYR D 34 26.91 -33.75 -18.20
CA TYR D 34 27.79 -32.57 -18.27
C TYR D 34 27.05 -31.20 -18.24
N PHE D 35 25.88 -31.14 -18.84
CA PHE D 35 25.06 -29.96 -18.72
C PHE D 35 24.57 -29.76 -17.30
N LYS D 36 24.21 -30.84 -16.63
CA LYS D 36 23.61 -30.72 -15.30
C LYS D 36 24.62 -30.52 -14.22
N MET D 37 25.86 -30.86 -14.47
CA MET D 37 26.88 -30.85 -13.42
C MET D 37 27.13 -29.48 -12.78
N HIS D 38 26.91 -28.39 -13.52
CA HIS D 38 26.99 -27.08 -12.92
C HIS D 38 25.65 -26.38 -12.91
N ASP D 39 24.54 -27.13 -12.98
CA ASP D 39 23.21 -26.51 -12.84
C ASP D 39 22.79 -26.40 -11.37
N TYR D 40 23.50 -25.56 -10.63
CA TYR D 40 23.38 -25.58 -9.17
C TYR D 40 22.01 -25.18 -8.62
N ASP D 41 21.27 -24.35 -9.32
CA ASP D 41 19.90 -24.04 -8.85
C ASP D 41 18.84 -24.95 -9.51
N GLY D 42 19.29 -25.93 -10.31
CA GLY D 42 18.41 -27.00 -10.83
C GLY D 42 17.31 -26.53 -11.75
N ASN D 43 17.50 -25.37 -12.38
CA ASN D 43 16.47 -24.84 -13.27
C ASN D 43 16.69 -25.23 -14.76
N ASN D 44 17.60 -26.17 -15.04
CA ASN D 44 17.84 -26.65 -16.42
C ASN D 44 18.27 -25.54 -17.35
N LEU D 45 18.92 -24.54 -16.77
CA LEU D 45 19.53 -23.47 -17.50
C LEU D 45 20.92 -23.25 -16.92
N LEU D 46 21.88 -22.96 -17.78
CA LEU D 46 23.20 -22.57 -17.35
C LEU D 46 23.38 -21.09 -17.53
N ASP D 47 23.76 -20.38 -16.45
CA ASP D 47 24.02 -18.94 -16.56
C ASP D 47 25.49 -18.67 -16.41
N GLY D 48 25.90 -17.44 -16.63
CA GLY D 48 27.35 -17.12 -16.60
C GLY D 48 28.07 -17.39 -15.28
N LEU D 49 27.39 -17.23 -14.15
CA LEU D 49 27.98 -17.53 -12.84
C LEU D 49 28.24 -18.99 -12.70
N GLU D 50 27.30 -19.80 -13.16
CA GLU D 50 27.44 -21.25 -13.16
C GLU D 50 28.54 -21.69 -14.14
N LEU D 51 28.67 -21.03 -15.28
CA LEU D 51 29.80 -21.32 -16.17
C LEU D 51 31.13 -20.90 -15.57
N SER D 52 31.16 -19.78 -14.87
CA SER D 52 32.44 -19.36 -14.30
C SER D 52 32.93 -20.45 -13.36
N THR D 53 32.04 -21.04 -12.55
CA THR D 53 32.51 -22.07 -11.62
C THR D 53 33.00 -23.29 -12.38
N ALA D 54 32.38 -23.62 -13.50
CA ALA D 54 32.94 -24.67 -14.40
C ALA D 54 34.34 -24.41 -15.02
N ILE D 55 34.67 -23.13 -15.19
CA ILE D 55 35.97 -22.69 -15.64
C ILE D 55 36.83 -22.43 -14.39
N THR D 56 37.93 -23.12 -14.15
CA THR D 56 38.67 -22.93 -12.86
C THR D 56 39.33 -24.26 -12.40
N MET D 70 43.80 -17.50 -13.33
CA MET D 70 43.42 -16.70 -14.46
C MET D 70 42.81 -15.37 -14.02
N SER D 71 43.02 -14.33 -14.80
CA SER D 71 42.50 -13.03 -14.53
C SER D 71 40.97 -12.97 -14.74
N GLU D 72 40.31 -12.07 -14.03
CA GLU D 72 38.87 -11.87 -14.25
C GLU D 72 38.53 -11.56 -15.71
N ASP D 73 39.41 -10.78 -16.34
CA ASP D 73 39.18 -10.28 -17.70
C ASP D 73 39.11 -11.42 -18.67
N GLU D 74 39.93 -12.44 -18.44
CA GLU D 74 39.95 -13.57 -19.31
C GLU D 74 38.74 -14.47 -19.05
N LEU D 75 38.37 -14.56 -17.79
CA LEU D 75 37.16 -15.24 -17.39
C LEU D 75 35.94 -14.59 -18.05
N ILE D 76 35.85 -13.27 -18.03
CA ILE D 76 34.76 -12.55 -18.72
C ILE D 76 34.74 -12.82 -20.23
N ASN D 77 35.91 -12.89 -20.85
CA ASN D 77 36.05 -13.15 -22.28
C ASN D 77 35.49 -14.53 -22.63
N ILE D 78 35.91 -15.54 -21.86
CA ILE D 78 35.49 -16.90 -22.13
C ILE D 78 33.97 -16.99 -22.01
N ILE D 79 33.42 -16.52 -20.91
CA ILE D 79 31.98 -16.62 -20.69
C ILE D 79 31.20 -15.83 -21.72
N ASP D 80 31.64 -14.60 -21.99
CA ASP D 80 31.04 -13.83 -23.08
C ASP D 80 31.07 -14.61 -24.41
N GLY D 81 32.14 -15.34 -24.66
CA GLY D 81 32.25 -16.15 -25.87
C GLY D 81 31.21 -17.27 -25.91
N VAL D 82 31.01 -17.92 -24.78
CA VAL D 82 30.11 -19.03 -24.71
C VAL D 82 28.66 -18.58 -24.90
N LEU D 83 28.32 -17.43 -24.33
CA LEU D 83 26.99 -16.85 -24.55
C LEU D 83 26.83 -16.37 -25.96
N ARG D 84 27.84 -15.69 -26.49
CA ARG D 84 27.79 -15.22 -27.89
C ARG D 84 27.54 -16.42 -28.84
N ASP D 85 28.29 -17.49 -28.66
CA ASP D 85 28.14 -18.65 -29.51
C ASP D 85 26.87 -19.48 -29.29
N ASP D 86 26.36 -19.58 -28.07
CA ASP D 86 25.30 -20.50 -27.84
C ASP D 86 23.97 -19.90 -27.36
N ASP D 87 23.93 -18.69 -26.85
CA ASP D 87 22.69 -18.12 -26.30
C ASP D 87 21.87 -17.51 -27.41
N LYS D 88 21.25 -18.38 -28.18
CA LYS D 88 20.56 -17.98 -29.41
C LYS D 88 19.42 -17.01 -29.16
N ASN D 89 18.63 -17.22 -28.11
CA ASN D 89 17.52 -16.29 -27.78
C ASN D 89 17.92 -15.11 -26.91
N ASN D 90 19.22 -14.95 -26.65
CA ASN D 90 19.72 -13.82 -25.85
C ASN D 90 19.01 -13.58 -24.49
N ASP D 91 18.74 -14.65 -23.73
CA ASP D 91 18.13 -14.49 -22.39
C ASP D 91 19.17 -14.53 -21.25
N GLY D 92 20.45 -14.69 -21.59
CA GLY D 92 21.52 -14.83 -20.59
C GLY D 92 21.60 -16.20 -19.99
N TYR D 93 20.87 -17.17 -20.55
CA TYR D 93 21.00 -18.58 -20.13
C TYR D 93 21.32 -19.48 -21.30
N ILE D 94 21.99 -20.60 -21.06
CA ILE D 94 22.02 -21.56 -22.11
C ILE D 94 21.19 -22.78 -21.70
N ASP D 95 20.11 -23.04 -22.44
CA ASP D 95 19.27 -24.23 -22.18
C ASP D 95 19.89 -25.48 -22.79
N TYR D 96 19.23 -26.61 -22.61
CA TYR D 96 19.84 -27.88 -23.05
C TYR D 96 19.95 -27.94 -24.59
N ALA D 97 18.94 -27.44 -25.31
CA ALA D 97 18.97 -27.42 -26.76
C ALA D 97 20.10 -26.51 -27.24
N GLU D 98 20.28 -25.35 -26.62
CA GLU D 98 21.41 -24.49 -26.95
C GLU D 98 22.75 -25.16 -26.69
N PHE D 99 22.81 -25.93 -25.60
CA PHE D 99 24.02 -26.66 -25.20
C PHE D 99 24.35 -27.79 -26.17
N ALA D 100 23.36 -28.57 -26.57
CA ALA D 100 23.63 -29.86 -27.26
C ALA D 100 24.49 -30.04 -28.57
N LYS D 101 24.11 -29.46 -29.70
CA LYS D 101 24.92 -29.62 -31.00
C LYS D 101 24.67 -30.87 -31.92
N PRO E 19 -4.60 8.71 19.02
CA PRO E 19 -4.26 9.15 17.64
C PRO E 19 -4.95 10.47 17.25
N HIS E 20 -4.18 11.43 16.73
CA HIS E 20 -4.75 12.76 16.41
C HIS E 20 -5.56 12.68 15.11
N ARG E 21 -6.71 13.37 15.07
CA ARG E 21 -7.49 13.50 13.83
C ARG E 21 -7.39 14.88 13.21
N ARG E 22 -7.12 14.94 11.91
CA ARG E 22 -7.17 16.19 11.18
C ARG E 22 -8.22 16.12 10.09
N PHE E 23 -9.20 17.02 10.12
CA PHE E 23 -10.23 17.04 9.09
C PHE E 23 -9.61 17.50 7.78
N GLU E 24 -9.97 16.80 6.70
CA GLU E 24 -9.45 17.05 5.36
C GLU E 24 -10.56 17.52 4.42
N TYR E 25 -10.71 18.83 4.30
CA TYR E 25 -11.84 19.37 3.55
C TYR E 25 -11.82 18.90 2.09
N LYS E 26 -10.63 18.71 1.55
CA LYS E 26 -10.47 18.54 0.10
C LYS E 26 -10.92 17.16 -0.33
N TYR E 27 -11.10 16.27 0.64
CA TYR E 27 -11.51 14.90 0.36
C TYR E 27 -12.86 14.63 1.00
N SER E 28 -13.68 15.69 1.10
CA SER E 28 -14.91 15.63 1.84
C SER E 28 -16.02 16.42 1.14
N PHE E 29 -17.26 16.07 1.47
CA PHE E 29 -18.41 16.85 1.06
C PHE E 29 -19.55 16.69 2.07
N LYS E 30 -20.41 17.69 2.10
CA LYS E 30 -21.59 17.67 2.94
C LYS E 30 -22.45 18.88 2.66
N GLY E 31 -23.68 18.82 3.18
CA GLY E 31 -24.63 19.93 3.07
C GLY E 31 -24.38 20.90 4.21
N PRO E 32 -25.17 21.99 4.29
CA PRO E 32 -26.36 22.28 3.51
C PRO E 32 -26.16 23.08 2.23
N HIS E 33 -24.92 23.28 1.80
CA HIS E 33 -24.65 23.91 0.51
C HIS E 33 -23.68 23.01 -0.24
N LEU E 34 -24.08 21.77 -0.43
CA LEU E 34 -23.18 20.72 -0.93
C LEU E 34 -22.87 20.98 -2.41
N VAL E 35 -23.86 21.32 -3.21
CA VAL E 35 -23.58 21.64 -4.60
C VAL E 35 -23.36 23.11 -4.87
N GLN E 36 -22.48 23.39 -5.84
CA GLN E 36 -22.28 24.74 -6.30
C GLN E 36 -23.33 25.10 -7.33
N SER E 37 -23.37 26.39 -7.67
CA SER E 37 -24.42 26.92 -8.55
C SER E 37 -24.35 26.31 -9.96
N ASP E 38 -23.20 25.79 -10.38
CA ASP E 38 -23.13 25.03 -11.61
C ASP E 38 -23.48 23.52 -11.45
N GLY E 39 -24.05 23.12 -10.30
CA GLY E 39 -24.39 21.69 -10.10
C GLY E 39 -23.23 20.71 -9.85
N THR E 40 -22.02 21.23 -9.61
CA THR E 40 -20.86 20.39 -9.22
C THR E 40 -20.66 20.39 -7.69
N VAL E 41 -20.05 19.32 -7.23
CA VAL E 41 -19.62 19.15 -5.86
C VAL E 41 -18.15 19.55 -5.81
N PRO E 42 -17.80 20.59 -5.03
CA PRO E 42 -16.39 21.01 -4.95
C PRO E 42 -15.46 19.87 -4.60
N PHE E 43 -14.42 19.71 -5.43
CA PHE E 43 -13.32 18.82 -5.20
C PHE E 43 -13.64 17.39 -5.58
N TRP E 44 -14.89 17.13 -6.04
CA TRP E 44 -15.28 15.79 -6.50
C TRP E 44 -15.86 15.82 -7.88
N ALA E 45 -15.73 14.69 -8.53
CA ALA E 45 -16.29 14.51 -9.86
C ALA E 45 -17.40 13.53 -9.70
N HIS E 46 -18.50 13.80 -10.38
CA HIS E 46 -19.58 12.81 -10.40
C HIS E 46 -19.87 12.30 -11.78
N ALA E 47 -20.44 11.11 -11.87
CA ALA E 47 -20.73 10.54 -13.19
C ALA E 47 -21.93 9.62 -13.10
N GLY E 48 -22.35 9.16 -14.28
CA GLY E 48 -23.51 8.36 -14.45
C GLY E 48 -24.69 9.18 -14.15
N ASN E 49 -25.58 8.60 -13.37
CA ASN E 49 -26.81 9.30 -12.97
C ASN E 49 -26.84 9.85 -11.52
N ALA E 50 -25.68 9.95 -10.88
CA ALA E 50 -25.58 10.64 -9.57
C ALA E 50 -26.17 12.04 -9.65
N ILE E 51 -27.09 12.40 -8.78
CA ILE E 51 -27.60 13.78 -8.73
C ILE E 51 -27.18 14.49 -7.43
N PRO E 52 -26.29 15.43 -7.54
CA PRO E 52 -25.91 16.20 -6.32
C PRO E 52 -26.96 17.24 -6.04
N SER E 53 -27.34 17.39 -4.78
CA SER E 53 -28.25 18.46 -4.38
C SER E 53 -27.66 19.19 -3.17
N SER E 54 -28.36 20.17 -2.64
CA SER E 54 -27.76 20.99 -1.58
C SER E 54 -27.47 20.23 -0.30
N ASP E 55 -28.20 19.15 0.00
CA ASP E 55 -27.97 18.45 1.28
C ASP E 55 -27.62 16.97 1.18
N GLN E 56 -27.54 16.45 -0.03
CA GLN E 56 -27.13 15.05 -0.26
C GLN E 56 -26.88 14.79 -1.71
N ILE E 57 -26.20 13.68 -2.00
CA ILE E 57 -26.05 13.23 -3.38
C ILE E 57 -26.85 11.99 -3.58
N ARG E 58 -27.73 11.99 -4.56
CA ARG E 58 -28.52 10.76 -4.85
C ARG E 58 -27.67 10.01 -5.82
N VAL E 59 -26.85 9.12 -5.28
CA VAL E 59 -25.83 8.48 -6.08
C VAL E 59 -26.46 7.58 -7.16
N ALA E 60 -27.56 6.92 -6.82
CA ALA E 60 -28.34 6.23 -7.80
C ALA E 60 -29.78 6.23 -7.34
N PRO E 61 -30.68 6.82 -8.16
CA PRO E 61 -32.04 6.91 -7.78
C PRO E 61 -32.76 5.56 -8.01
N SER E 62 -33.99 5.47 -7.48
CA SER E 62 -34.78 4.27 -7.50
C SER E 62 -35.47 3.98 -8.86
N LEU E 63 -34.67 3.98 -9.91
CA LEU E 63 -35.12 3.67 -11.26
C LEU E 63 -34.36 2.42 -11.69
N LYS E 64 -34.89 1.78 -12.71
CA LYS E 64 -34.27 0.59 -13.26
C LYS E 64 -32.89 0.85 -13.83
N SER E 65 -31.98 -0.08 -13.55
CA SER E 65 -30.68 -0.16 -14.20
C SER E 65 -29.89 1.13 -14.16
N GLN E 66 -29.63 1.65 -12.98
CA GLN E 66 -28.94 2.91 -12.85
C GLN E 66 -27.52 2.66 -12.39
N ARG E 67 -26.62 3.54 -12.78
CA ARG E 67 -25.29 3.65 -12.18
C ARG E 67 -24.93 5.10 -11.87
N GLY E 68 -24.30 5.34 -10.72
CA GLY E 68 -23.72 6.64 -10.46
C GLY E 68 -22.52 6.56 -9.60
N SER E 69 -21.69 7.59 -9.64
CA SER E 69 -20.56 7.61 -8.74
C SER E 69 -20.08 9.02 -8.50
N VAL E 70 -19.26 9.14 -7.46
CA VAL E 70 -18.68 10.41 -7.07
C VAL E 70 -17.31 10.09 -6.54
N TRP E 71 -16.29 10.72 -7.11
CA TRP E 71 -14.89 10.43 -6.73
C TRP E 71 -14.13 11.71 -6.55
N THR E 72 -13.13 11.68 -5.66
CA THR E 72 -12.28 12.85 -5.43
C THR E 72 -11.48 13.15 -6.68
N LYS E 73 -11.33 14.42 -7.00
CA LYS E 73 -10.57 14.80 -8.18
C LYS E 73 -9.11 14.49 -8.04
N THR E 74 -8.56 14.61 -6.83
CA THR E 74 -7.15 14.33 -6.63
C THR E 74 -6.96 13.20 -5.68
N LYS E 75 -5.74 12.71 -5.65
CA LYS E 75 -5.37 11.64 -4.79
C LYS E 75 -5.02 12.19 -3.41
N ALA E 76 -5.38 11.43 -2.38
CA ALA E 76 -4.92 11.67 -1.04
C ALA E 76 -3.66 10.84 -0.80
N ALA E 77 -2.75 11.39 0.01
CA ALA E 77 -1.52 10.69 0.40
C ALA E 77 -1.47 10.70 1.91
N PHE E 78 -2.21 9.80 2.55
CA PHE E 78 -2.22 9.72 3.99
C PHE E 78 -1.78 8.34 4.38
N GLU E 79 -0.83 8.25 5.31
CA GLU E 79 -0.43 6.95 5.86
C GLU E 79 -1.63 6.28 6.51
N ASN E 80 -2.37 7.06 7.29
CA ASN E 80 -3.54 6.58 7.99
C ASN E 80 -4.70 7.53 7.87
N TRP E 81 -5.89 6.97 7.80
CA TRP E 81 -7.06 7.80 7.60
C TRP E 81 -8.29 7.18 8.15
N GLU E 82 -9.33 8.01 8.22
CA GLU E 82 -10.66 7.60 8.68
C GLU E 82 -11.68 8.35 7.86
N VAL E 83 -12.67 7.65 7.32
CA VAL E 83 -13.77 8.31 6.63
C VAL E 83 -15.08 7.99 7.32
N GLU E 84 -15.96 8.99 7.44
CA GLU E 84 -17.31 8.77 7.92
C GLU E 84 -18.30 9.15 6.81
N VAL E 85 -19.06 8.14 6.39
CA VAL E 85 -19.99 8.28 5.30
C VAL E 85 -21.38 8.09 5.85
N THR E 86 -22.23 9.10 5.68
CA THR E 86 -23.57 9.08 6.21
C THR E 86 -24.48 8.94 5.02
N PHE E 87 -25.37 7.95 5.04
CA PHE E 87 -26.15 7.63 3.85
C PHE E 87 -27.50 7.05 4.19
N ARG E 88 -28.42 7.08 3.21
CA ARG E 88 -29.71 6.36 3.31
C ARG E 88 -29.90 5.49 2.07
N VAL E 89 -30.34 4.24 2.28
CA VAL E 89 -30.80 3.37 1.18
C VAL E 89 -32.27 3.07 1.43
N THR E 90 -33.13 3.57 0.54
CA THR E 90 -34.57 3.60 0.74
C THR E 90 -35.32 3.02 -0.47
N GLY E 91 -36.30 2.16 -0.21
CA GLY E 91 -37.03 1.43 -1.23
C GLY E 91 -38.34 0.86 -0.70
N ARG E 92 -39.34 0.76 -1.59
CA ARG E 92 -40.66 0.17 -1.29
C ARG E 92 -40.56 -1.23 -0.70
N GLY E 93 -39.81 -2.12 -1.36
CA GLY E 93 -39.72 -3.49 -0.89
C GLY E 93 -39.04 -3.77 0.45
N ARG E 94 -39.42 -4.91 1.01
CA ARG E 94 -38.58 -5.63 1.96
C ARG E 94 -37.30 -6.10 1.23
N ILE E 95 -37.33 -6.16 -0.10
CA ILE E 95 -36.14 -6.44 -0.90
C ILE E 95 -35.76 -5.24 -1.76
N GLY E 96 -34.45 -4.97 -1.88
CA GLY E 96 -33.97 -3.85 -2.69
C GLY E 96 -32.71 -4.19 -3.44
N ALA E 97 -32.28 -3.31 -4.32
CA ALA E 97 -31.01 -3.56 -5.05
C ALA E 97 -30.48 -2.27 -5.65
N ASP E 98 -29.20 -2.21 -6.00
CA ASP E 98 -28.20 -3.25 -5.76
C ASP E 98 -27.36 -2.98 -4.52
N GLY E 99 -27.14 -1.69 -4.23
CA GLY E 99 -26.41 -1.29 -3.07
C GLY E 99 -25.39 -0.23 -3.43
N LEU E 100 -24.49 -0.02 -2.49
CA LEU E 100 -23.65 1.17 -2.44
C LEU E 100 -22.24 0.72 -2.09
N ALA E 101 -21.25 1.34 -2.69
CA ALA E 101 -19.85 0.98 -2.41
C ALA E 101 -19.08 2.21 -1.98
N ILE E 102 -18.16 2.02 -1.04
CA ILE E 102 -17.20 3.07 -0.63
C ILE E 102 -15.81 2.62 -1.10
N TRP E 103 -15.04 3.52 -1.67
CA TRP E 103 -13.81 3.19 -2.34
C TRP E 103 -12.62 3.95 -1.77
N TYR E 104 -11.49 3.25 -1.68
CA TYR E 104 -10.16 3.87 -1.77
C TYR E 104 -9.37 3.13 -2.82
N ALA E 105 -8.94 3.83 -3.86
CA ALA E 105 -8.29 3.19 -5.00
C ALA E 105 -7.33 4.10 -5.76
N GLU E 106 -6.35 3.47 -6.40
CA GLU E 106 -5.30 4.17 -7.13
C GLU E 106 -5.93 5.06 -8.17
N ASN E 107 -6.85 4.48 -8.94
CA ASN E 107 -7.50 5.18 -10.03
C ASN E 107 -8.99 5.47 -9.79
N GLN E 108 -9.43 6.66 -10.23
CA GLN E 108 -10.86 6.97 -10.27
C GLN E 108 -11.54 5.89 -11.03
N GLY E 109 -12.53 5.25 -10.44
CA GLY E 109 -13.38 4.28 -11.13
C GLY E 109 -14.77 4.85 -11.42
N LEU E 110 -14.82 5.96 -12.16
CA LEU E 110 -16.08 6.71 -12.36
C LEU E 110 -17.30 5.94 -12.93
N GLU E 111 -17.11 5.18 -14.01
CA GLU E 111 -18.19 4.37 -14.61
C GLU E 111 -17.72 2.93 -14.61
N GLY E 112 -18.64 1.98 -14.53
CA GLY E 112 -18.31 0.56 -14.55
C GLY E 112 -19.39 -0.30 -13.90
N PRO E 113 -19.23 -1.64 -13.99
CA PRO E 113 -20.25 -2.59 -13.54
C PRO E 113 -20.22 -2.98 -12.07
N VAL E 114 -19.25 -2.48 -11.31
CA VAL E 114 -19.18 -2.83 -9.87
C VAL E 114 -19.84 -1.74 -9.01
N PHE E 115 -21.06 -2.01 -8.58
CA PHE E 115 -21.90 -0.97 -7.95
C PHE E 115 -21.73 0.40 -8.61
N GLY E 116 -21.73 0.39 -9.94
CA GLY E 116 -21.64 1.61 -10.69
C GLY E 116 -20.23 2.13 -10.98
N SER E 117 -19.22 1.49 -10.43
CA SER E 117 -17.84 1.89 -10.68
C SER E 117 -17.02 0.78 -11.38
N ALA E 118 -15.82 1.20 -11.82
CA ALA E 118 -14.83 0.34 -12.49
C ALA E 118 -14.45 -0.92 -11.71
N ASP E 119 -14.46 -2.07 -12.40
CA ASP E 119 -13.89 -3.36 -11.92
C ASP E 119 -12.34 -3.28 -11.96
N LEU E 120 -11.65 -4.28 -11.41
CA LEU E 120 -10.16 -4.36 -11.51
C LEU E 120 -9.50 -3.11 -10.95
N TRP E 121 -9.89 -2.75 -9.74
CA TRP E 121 -9.42 -1.55 -9.10
C TRP E 121 -8.21 -1.97 -8.35
N ASN E 122 -7.32 -1.03 -8.08
CA ASN E 122 -6.20 -1.32 -7.18
C ASN E 122 -6.43 -0.63 -5.81
N GLY E 123 -6.85 -1.41 -4.82
CA GLY E 123 -7.07 -0.89 -3.49
C GLY E 123 -8.27 -1.60 -2.89
N VAL E 124 -9.08 -0.87 -2.11
CA VAL E 124 -10.19 -1.47 -1.34
C VAL E 124 -11.60 -0.89 -1.65
N GLY E 125 -12.57 -1.80 -1.78
CA GLY E 125 -13.98 -1.49 -1.88
C GLY E 125 -14.65 -2.00 -0.63
N ILE E 126 -15.51 -1.19 -0.02
CA ILE E 126 -16.39 -1.68 1.04
C ILE E 126 -17.82 -1.66 0.50
N PHE E 127 -18.40 -2.83 0.30
CA PHE E 127 -19.63 -2.97 -0.44
C PHE E 127 -20.81 -3.21 0.45
N PHE E 128 -21.79 -2.34 0.32
CA PHE E 128 -23.06 -2.45 1.02
C PHE E 128 -24.05 -3.05 0.04
N ASP E 129 -24.21 -4.35 0.15
CA ASP E 129 -24.83 -5.15 -0.90
C ASP E 129 -26.22 -5.56 -0.45
N SER E 130 -27.23 -4.95 -1.03
CA SER E 130 -28.63 -5.17 -0.66
C SER E 130 -29.18 -6.50 -1.20
N PHE E 131 -28.70 -6.91 -2.36
CA PHE E 131 -29.40 -7.93 -3.12
C PHE E 131 -28.62 -9.24 -3.12
N ASP E 132 -29.32 -10.26 -2.63
CA ASP E 132 -28.82 -11.61 -2.44
C ASP E 132 -28.71 -12.36 -3.77
N ASN E 133 -27.64 -12.09 -4.53
CA ASN E 133 -27.44 -12.63 -5.87
C ASN E 133 -27.31 -14.19 -5.89
N ASP E 134 -26.57 -14.74 -4.92
CA ASP E 134 -26.37 -16.19 -4.78
C ASP E 134 -27.42 -16.88 -3.87
N GLY E 135 -28.55 -16.22 -3.61
CA GLY E 135 -29.64 -16.84 -2.85
C GLY E 135 -29.36 -17.44 -1.48
N LYS E 136 -28.27 -17.04 -0.83
CA LYS E 136 -27.87 -17.56 0.49
C LYS E 136 -28.55 -16.91 1.73
N LYS E 137 -29.63 -16.14 1.53
CA LYS E 137 -30.39 -15.52 2.62
C LYS E 137 -29.53 -14.80 3.66
N ASN E 138 -28.47 -14.16 3.19
CA ASN E 138 -27.53 -13.46 4.05
C ASN E 138 -27.30 -11.99 3.58
N ASN E 139 -28.38 -11.29 3.25
CA ASN E 139 -28.32 -9.88 2.82
C ASN E 139 -29.45 -9.12 3.50
N PRO E 140 -29.29 -7.81 3.65
CA PRO E 140 -28.15 -6.98 3.29
C PRO E 140 -26.85 -7.33 4.01
N ALA E 141 -25.73 -7.18 3.29
CA ALA E 141 -24.41 -7.48 3.84
C ALA E 141 -23.44 -6.37 3.53
N ILE E 142 -22.38 -6.31 4.34
CA ILE E 142 -21.31 -5.39 4.12
C ILE E 142 -20.06 -6.21 3.94
N VAL E 143 -19.35 -5.97 2.86
CA VAL E 143 -18.28 -6.86 2.42
C VAL E 143 -17.05 -6.06 2.07
N ILE E 144 -15.91 -6.41 2.66
CA ILE E 144 -14.67 -5.73 2.33
C ILE E 144 -13.92 -6.54 1.29
N ILE E 145 -13.53 -5.90 0.18
CA ILE E 145 -12.82 -6.57 -0.90
C ILE E 145 -11.60 -5.80 -1.38
N GLY E 146 -10.43 -6.39 -1.15
CA GLY E 146 -9.16 -5.81 -1.59
C GLY E 146 -8.96 -6.28 -2.98
N ASN E 147 -8.16 -5.55 -3.74
CA ASN E 147 -7.93 -5.91 -5.12
C ASN E 147 -6.60 -5.28 -5.55
N ASN E 148 -5.97 -5.85 -6.57
CA ASN E 148 -4.60 -5.47 -6.97
C ASN E 148 -4.53 -5.12 -8.46
N GLY E 149 -5.68 -4.92 -9.10
CA GLY E 149 -5.74 -4.56 -10.51
C GLY E 149 -6.16 -5.73 -11.37
N GLN E 150 -6.30 -6.92 -10.78
CA GLN E 150 -6.51 -8.16 -11.54
C GLN E 150 -7.72 -9.02 -11.19
N ILE E 151 -8.38 -8.77 -10.06
CA ILE E 151 -9.57 -9.55 -9.68
C ILE E 151 -10.84 -8.95 -10.33
N HIS E 152 -11.59 -9.79 -11.04
CA HIS E 152 -12.92 -9.40 -11.54
C HIS E 152 -13.89 -9.63 -10.40
N TYR E 153 -14.62 -8.58 -10.00
CA TYR E 153 -15.61 -8.73 -8.95
C TYR E 153 -16.68 -9.79 -9.27
N ASP E 154 -16.90 -10.67 -8.30
CA ASP E 154 -17.85 -11.74 -8.40
C ASP E 154 -19.25 -11.29 -7.97
N HIS E 155 -19.94 -10.63 -8.90
CA HIS E 155 -21.35 -10.23 -8.75
C HIS E 155 -22.32 -11.32 -8.28
N GLN E 156 -22.27 -12.48 -8.93
CA GLN E 156 -23.27 -13.56 -8.69
C GLN E 156 -23.21 -14.12 -7.27
N ASN E 157 -22.04 -14.08 -6.65
CA ASN E 157 -21.85 -14.57 -5.28
C ASN E 157 -21.69 -13.48 -4.23
N ASP E 158 -22.09 -12.27 -4.55
CA ASP E 158 -21.98 -11.16 -3.59
C ASP E 158 -20.54 -11.03 -3.07
N GLY E 159 -19.56 -11.26 -3.95
CA GLY E 159 -18.15 -11.32 -3.59
C GLY E 159 -17.75 -12.30 -2.48
N ALA E 160 -18.57 -13.32 -2.19
CA ALA E 160 -18.35 -14.18 -1.01
C ALA E 160 -16.98 -14.83 -0.94
N SER E 161 -16.42 -15.21 -2.08
CA SER E 161 -15.12 -15.89 -2.13
C SER E 161 -13.97 -14.90 -2.10
N GLN E 162 -14.23 -13.66 -2.51
CA GLN E 162 -13.19 -12.62 -2.58
C GLN E 162 -13.10 -11.73 -1.31
N ALA E 163 -14.02 -11.93 -0.38
CA ALA E 163 -14.16 -11.09 0.80
C ALA E 163 -13.08 -11.36 1.83
N LEU E 164 -12.25 -10.36 2.07
CA LEU E 164 -11.33 -10.36 3.18
C LEU E 164 -12.08 -10.39 4.51
N ALA E 165 -13.31 -9.88 4.54
CA ALA E 165 -14.13 -9.92 5.76
C ALA E 165 -15.53 -9.35 5.51
N SER E 166 -16.47 -9.63 6.40
CA SER E 166 -17.82 -9.21 6.15
C SER E 166 -18.70 -9.26 7.38
N CYS E 167 -19.86 -8.63 7.30
CA CYS E 167 -20.85 -8.70 8.36
C CYS E 167 -22.21 -8.62 7.73
N GLN E 168 -23.22 -9.00 8.49
CA GLN E 168 -24.58 -8.86 8.03
C GLN E 168 -25.16 -7.72 8.78
N ARG E 169 -25.87 -6.83 8.09
CA ARG E 169 -26.36 -5.63 8.73
C ARG E 169 -27.37 -5.05 7.81
N ASP E 170 -28.59 -4.84 8.28
CA ASP E 170 -29.65 -4.34 7.42
C ASP E 170 -29.67 -2.81 7.36
N PHE E 171 -29.03 -2.26 6.35
CA PHE E 171 -28.82 -0.82 6.29
C PHE E 171 -29.91 -0.11 5.50
N ARG E 172 -30.99 -0.81 5.17
CA ARG E 172 -32.08 -0.24 4.38
C ARG E 172 -33.23 0.29 5.18
N ASN E 173 -33.85 1.38 4.71
CA ASN E 173 -35.11 1.87 5.24
C ASN E 173 -35.09 2.13 6.76
N LYS E 174 -34.06 2.83 7.25
CA LYS E 174 -33.89 3.10 8.67
C LYS E 174 -34.36 4.50 9.02
N PRO E 175 -34.84 4.72 10.26
CA PRO E 175 -35.49 6.00 10.58
C PRO E 175 -34.53 7.17 10.59
N TYR E 176 -33.27 6.92 10.86
CA TYR E 176 -32.24 7.92 10.73
C TYR E 176 -31.15 7.42 9.79
N PRO E 177 -30.28 8.31 9.32
CA PRO E 177 -29.23 7.90 8.40
C PRO E 177 -28.30 6.87 8.98
N VAL E 178 -27.85 5.94 8.16
CA VAL E 178 -26.84 4.99 8.52
C VAL E 178 -25.48 5.63 8.34
N ARG E 179 -24.51 5.22 9.17
CA ARG E 179 -23.16 5.78 9.13
C ARG E 179 -22.15 4.63 9.13
N ALA E 180 -21.21 4.72 8.20
CA ALA E 180 -20.08 3.84 8.12
C ALA E 180 -18.81 4.60 8.45
N LYS E 181 -18.11 4.17 9.51
CA LYS E 181 -16.80 4.72 9.89
C LYS E 181 -15.79 3.68 9.48
N ILE E 182 -14.91 4.08 8.58
CA ILE E 182 -13.96 3.18 7.98
C ILE E 182 -12.57 3.72 8.25
N THR E 183 -11.80 2.96 8.99
CA THR E 183 -10.52 3.44 9.54
C THR E 183 -9.38 2.59 9.01
N TYR E 184 -8.37 3.23 8.48
CA TYR E 184 -7.11 2.56 8.11
C TYR E 184 -6.00 3.08 9.02
N TYR E 185 -5.59 2.24 9.96
CA TYR E 185 -4.63 2.65 10.96
C TYR E 185 -3.70 1.49 11.36
N GLN E 186 -2.39 1.75 11.23
CA GLN E 186 -1.33 0.75 11.49
C GLN E 186 -1.61 -0.53 10.73
N ASN E 187 -1.80 -0.37 9.44
CA ASN E 187 -2.08 -1.49 8.52
C ASN E 187 -3.38 -2.28 8.72
N THR E 188 -4.22 -1.93 9.70
CA THR E 188 -5.54 -2.57 9.84
C THR E 188 -6.76 -1.70 9.36
N LEU E 189 -7.64 -2.30 8.54
CA LEU E 189 -8.84 -1.66 8.04
C LEU E 189 -10.03 -2.12 8.82
N THR E 190 -10.66 -1.23 9.57
CA THR E 190 -11.83 -1.53 10.39
C THR E 190 -13.08 -0.85 9.79
N VAL E 191 -14.23 -1.50 9.92
CA VAL E 191 -15.50 -0.94 9.52
C VAL E 191 -16.48 -1.01 10.70
N MET E 192 -16.99 0.15 11.08
CA MET E 192 -17.96 0.31 12.14
C MET E 192 -19.21 0.95 11.53
N ILE E 193 -20.38 0.55 12.01
CA ILE E 193 -21.62 0.98 11.42
C ILE E 193 -22.55 1.45 12.51
N ASN E 194 -23.14 2.61 12.28
CA ASN E 194 -24.25 3.10 13.04
C ASN E 194 -25.46 2.81 12.21
N ASN E 195 -26.33 1.95 12.71
CA ASN E 195 -27.39 1.34 11.92
C ASN E 195 -28.62 2.25 11.77
N GLY E 196 -28.59 3.45 12.29
CA GLY E 196 -29.71 4.39 12.05
C GLY E 196 -31.00 4.15 12.80
N PHE E 197 -30.92 3.39 13.86
CA PHE E 197 -32.05 3.23 14.77
C PHE E 197 -32.21 4.45 15.71
N THR E 198 -31.15 5.20 15.96
CA THR E 198 -31.19 6.33 16.93
C THR E 198 -30.63 7.62 16.36
N PRO E 199 -30.96 8.77 16.98
CA PRO E 199 -30.50 10.05 16.48
C PRO E 199 -29.04 10.29 16.86
N ASP E 200 -28.45 9.35 17.56
CA ASP E 200 -27.15 9.54 18.13
C ASP E 200 -26.12 9.17 17.09
N LYS E 201 -25.50 10.18 16.48
CA LYS E 201 -24.60 9.89 15.39
C LYS E 201 -23.35 9.11 15.81
N ASN E 202 -23.15 8.90 17.11
CA ASN E 202 -22.01 8.08 17.54
C ASN E 202 -22.30 6.67 18.01
N ASP E 203 -23.53 6.18 17.84
CA ASP E 203 -23.85 4.80 18.25
C ASP E 203 -23.39 3.81 17.17
N TYR E 204 -22.09 3.60 17.10
CA TYR E 204 -21.45 2.65 16.22
C TYR E 204 -21.32 1.24 16.81
N GLU E 205 -21.46 0.22 15.97
CA GLU E 205 -21.22 -1.18 16.34
C GLU E 205 -20.17 -1.76 15.38
N PHE E 206 -19.33 -2.67 15.89
CA PHE E 206 -18.32 -3.35 15.07
C PHE E 206 -18.96 -4.11 13.96
N CYS E 207 -18.34 -4.06 12.79
CA CYS E 207 -18.83 -4.83 11.66
C CYS E 207 -17.76 -5.80 11.16
N ALA E 208 -16.57 -5.31 10.88
CA ALA E 208 -15.52 -6.13 10.30
C ALA E 208 -14.16 -5.42 10.36
N LYS E 209 -13.13 -6.17 10.03
CA LYS E 209 -11.76 -5.82 10.32
C LYS E 209 -10.84 -6.66 9.44
N VAL E 210 -9.74 -6.08 8.99
CA VAL E 210 -8.75 -6.81 8.21
C VAL E 210 -7.37 -6.36 8.64
N GLU E 211 -6.58 -7.29 9.20
CA GLU E 211 -5.24 -6.99 9.68
C GLU E 211 -4.31 -7.09 8.48
N ASN E 212 -3.22 -6.33 8.51
CA ASN E 212 -2.16 -6.41 7.48
C ASN E 212 -2.67 -6.18 6.08
N MET E 213 -3.54 -5.18 5.96
CA MET E 213 -4.08 -4.76 4.71
C MET E 213 -3.04 -3.84 4.05
N ILE E 214 -2.69 -4.15 2.80
CA ILE E 214 -1.85 -3.27 1.98
C ILE E 214 -2.74 -2.60 0.92
N ILE E 215 -2.58 -1.29 0.78
CA ILE E 215 -3.35 -0.49 -0.16
C ILE E 215 -2.41 0.60 -0.64
N PRO E 216 -2.69 1.21 -1.78
CA PRO E 216 -1.76 2.22 -2.27
C PRO E 216 -1.51 3.35 -1.28
N ALA E 217 -0.38 4.01 -1.44
CA ALA E 217 0.04 5.11 -0.59
C ALA E 217 -0.64 6.37 -1.07
N GLN E 218 -1.12 6.36 -2.29
CA GLN E 218 -1.93 7.41 -2.82
C GLN E 218 -3.17 6.84 -3.48
N GLY E 219 -4.32 7.42 -3.16
CA GLY E 219 -5.56 7.03 -3.79
C GLY E 219 -6.60 8.11 -3.84
N HIS E 220 -7.53 7.93 -4.75
CA HIS E 220 -8.80 8.64 -4.78
C HIS E 220 -9.78 7.95 -3.83
N PHE E 221 -10.54 8.74 -3.08
CA PHE E 221 -11.68 8.18 -2.33
C PHE E 221 -12.87 8.28 -3.26
N GLY E 222 -13.83 7.38 -3.11
CA GLY E 222 -15.00 7.43 -3.94
C GLY E 222 -16.20 6.75 -3.34
N ILE E 223 -17.35 7.06 -3.93
CA ILE E 223 -18.59 6.38 -3.53
C ILE E 223 -19.42 6.11 -4.77
N SER E 224 -20.09 4.96 -4.84
CA SER E 224 -20.90 4.64 -6.01
C SER E 224 -22.08 3.74 -5.66
N ALA E 225 -23.06 3.67 -6.59
CA ALA E 225 -24.21 2.81 -6.41
C ALA E 225 -24.81 2.37 -7.72
N ALA E 226 -25.66 1.36 -7.65
CA ALA E 226 -26.33 0.86 -8.85
C ALA E 226 -27.68 0.19 -8.53
N THR E 227 -28.53 0.07 -9.55
CA THR E 227 -29.82 -0.65 -9.44
C THR E 227 -30.00 -1.58 -10.60
N GLY E 228 -31.04 -2.39 -10.55
CA GLY E 228 -31.32 -3.36 -11.62
C GLY E 228 -32.80 -3.28 -11.95
N GLY E 229 -33.49 -4.40 -11.93
CA GLY E 229 -34.94 -4.44 -12.06
C GLY E 229 -35.60 -3.98 -10.77
N LEU E 230 -35.06 -4.37 -9.62
CA LEU E 230 -35.36 -3.68 -8.36
C LEU E 230 -34.37 -2.52 -8.16
N ALA E 231 -34.87 -1.48 -7.50
CA ALA E 231 -34.09 -0.25 -7.35
C ALA E 231 -34.47 0.49 -6.08
N ASP E 232 -33.49 0.78 -5.22
CA ASP E 232 -33.63 1.72 -4.14
C ASP E 232 -33.04 3.08 -4.53
N ASP E 233 -33.44 4.11 -3.80
CA ASP E 233 -32.70 5.35 -3.82
C ASP E 233 -31.48 5.19 -2.94
N HIS E 234 -30.30 5.51 -3.48
CA HIS E 234 -29.06 5.51 -2.72
C HIS E 234 -28.51 6.93 -2.50
N ASP E 235 -28.59 7.40 -1.27
CA ASP E 235 -28.29 8.81 -0.96
C ASP E 235 -27.13 8.93 0.05
N VAL E 236 -26.14 9.75 -0.28
CA VAL E 236 -25.06 10.04 0.62
C VAL E 236 -25.20 11.50 1.07
N LEU E 237 -25.45 11.68 2.36
CA LEU E 237 -25.61 13.04 2.97
C LEU E 237 -24.27 13.68 3.19
N SER E 238 -23.27 12.87 3.55
CA SER E 238 -21.93 13.40 3.75
C SER E 238 -20.85 12.33 3.67
N PHE E 239 -19.67 12.77 3.24
CA PHE E 239 -18.47 11.96 3.18
C PHE E 239 -17.38 12.82 3.83
N LEU E 240 -16.87 12.38 4.95
CA LEU E 240 -15.99 13.21 5.76
C LEU E 240 -14.74 12.43 6.00
N THR E 241 -13.63 13.02 5.57
CA THR E 241 -12.31 12.39 5.59
C THR E 241 -11.34 13.03 6.60
N PHE E 242 -10.68 12.17 7.38
CA PHE E 242 -9.71 12.60 8.37
C PHE E 242 -8.38 11.90 8.13
N GLN E 243 -7.31 12.68 8.23
CA GLN E 243 -5.97 12.14 8.39
C GLN E 243 -5.68 11.83 9.84
N LEU E 244 -5.18 10.62 10.10
CA LEU E 244 -4.72 10.23 11.46
C LEU E 244 -3.18 10.30 11.54
N THR E 245 -2.65 10.75 12.68
CA THR E 245 -1.19 10.69 12.92
C THR E 245 -0.86 10.16 14.33
N MET F 25 -22.22 47.97 18.76
CA MET F 25 -21.80 46.53 18.84
C MET F 25 -20.26 46.42 18.79
N SER F 26 -19.68 45.86 19.84
CA SER F 26 -18.23 45.85 20.00
C SER F 26 -17.61 44.90 18.97
N PRO F 27 -16.36 45.19 18.56
CA PRO F 27 -15.63 44.17 17.79
C PRO F 27 -15.96 42.75 18.23
N GLN F 28 -15.95 42.49 19.53
CA GLN F 28 -16.13 41.15 20.06
C GLN F 28 -17.44 40.48 19.60
N GLU F 29 -18.55 41.21 19.49
CA GLU F 29 -19.81 40.58 19.03
C GLU F 29 -19.97 40.57 17.50
N LEU F 30 -19.42 41.57 16.80
CA LEU F 30 -19.34 41.51 15.33
C LEU F 30 -18.53 40.32 14.86
N GLN F 31 -17.50 39.99 15.63
CA GLN F 31 -16.64 38.89 15.30
C GLN F 31 -17.39 37.55 15.48
N LEU F 32 -18.01 37.37 16.64
CA LEU F 32 -18.88 36.23 16.93
C LEU F 32 -19.89 36.04 15.84
N HIS F 33 -20.58 37.11 15.49
CA HIS F 33 -21.58 37.07 14.42
C HIS F 33 -21.03 36.57 13.08
N TYR F 34 -19.85 37.06 12.69
CA TYR F 34 -19.13 36.63 11.49
C TYR F 34 -18.57 35.22 11.56
N PHE F 35 -18.11 34.81 12.72
CA PHE F 35 -17.70 33.45 12.93
C PHE F 35 -18.88 32.48 12.79
N LYS F 36 -20.03 32.85 13.34
CA LYS F 36 -21.15 31.91 13.44
C LYS F 36 -21.93 31.82 12.15
N MET F 37 -21.80 32.82 11.29
CA MET F 37 -22.60 32.91 10.07
C MET F 37 -22.42 31.74 9.11
N HIS F 38 -21.23 31.11 9.05
CA HIS F 38 -21.09 29.95 8.25
C HIS F 38 -20.81 28.72 9.10
N ASP F 39 -21.21 28.73 10.37
CA ASP F 39 -21.12 27.50 11.20
C ASP F 39 -22.34 26.60 11.01
N TYR F 40 -22.50 26.06 9.80
CA TYR F 40 -23.75 25.39 9.42
C TYR F 40 -24.09 24.15 10.23
N ASP F 41 -23.10 23.44 10.77
CA ASP F 41 -23.43 22.28 11.60
C ASP F 41 -23.43 22.65 13.12
N GLY F 42 -23.20 23.94 13.43
CA GLY F 42 -23.43 24.50 14.78
C GLY F 42 -22.50 23.93 15.82
N ASN F 43 -21.35 23.40 15.39
CA ASN F 43 -20.36 22.84 16.34
C ASN F 43 -19.31 23.85 16.82
N ASN F 44 -19.49 25.12 16.51
CA ASN F 44 -18.54 26.16 16.97
C ASN F 44 -17.11 25.95 16.46
N LEU F 45 -17.03 25.33 15.29
CA LEU F 45 -15.83 25.16 14.58
C LEU F 45 -16.11 25.50 13.11
N LEU F 46 -15.15 26.15 12.46
CA LEU F 46 -15.21 26.38 11.04
C LEU F 46 -14.29 25.42 10.34
N ASP F 47 -14.80 24.69 9.36
CA ASP F 47 -13.94 23.77 8.54
C ASP F 47 -13.83 24.32 7.15
N GLY F 48 -12.98 23.71 6.36
CA GLY F 48 -12.75 24.19 4.99
C GLY F 48 -13.96 24.23 4.07
N LEU F 49 -14.88 23.28 4.23
CA LEU F 49 -16.10 23.28 3.42
C LEU F 49 -16.98 24.46 3.77
N GLU F 50 -17.04 24.78 5.06
CA GLU F 50 -17.78 25.96 5.53
C GLU F 50 -17.10 27.24 5.09
N LEU F 51 -15.77 27.26 5.07
CA LEU F 51 -15.09 28.45 4.52
C LEU F 51 -15.31 28.58 3.00
N SER F 52 -15.32 27.48 2.29
CA SER F 52 -15.48 27.60 0.85
C SER F 52 -16.81 28.28 0.59
N THR F 53 -17.87 27.92 1.32
CA THR F 53 -19.17 28.55 1.04
C THR F 53 -19.10 30.03 1.36
N ALA F 54 -18.36 30.42 2.38
CA ALA F 54 -18.10 31.86 2.63
C ALA F 54 -17.33 32.63 1.54
N ILE F 55 -16.50 31.90 0.81
CA ILE F 55 -15.78 32.42 -0.37
C ILE F 55 -16.66 32.13 -1.62
N THR F 56 -17.15 33.10 -2.37
CA THR F 56 -18.09 32.79 -3.50
C THR F 56 -19.14 33.91 -3.70
N MET F 70 -14.29 31.82 -9.95
CA MET F 70 -12.94 31.43 -9.56
C MET F 70 -12.71 29.94 -9.74
N SER F 71 -11.49 29.56 -10.08
CA SER F 71 -11.12 28.17 -10.24
C SER F 71 -11.05 27.42 -8.90
N GLU F 72 -11.29 26.12 -8.94
CA GLU F 72 -11.14 25.32 -7.73
C GLU F 72 -9.75 25.45 -7.09
N ASP F 73 -8.72 25.55 -7.94
CA ASP F 73 -7.32 25.60 -7.49
C ASP F 73 -7.08 26.83 -6.63
N GLU F 74 -7.71 27.93 -7.00
CA GLU F 74 -7.54 29.14 -6.26
C GLU F 74 -8.33 29.08 -4.95
N LEU F 75 -9.49 28.43 -5.01
CA LEU F 75 -10.30 28.19 -3.84
C LEU F 75 -9.52 27.35 -2.84
N ILE F 76 -8.88 26.30 -3.31
CA ILE F 76 -7.98 25.47 -2.47
C ILE F 76 -6.84 26.28 -1.83
N ASN F 77 -6.26 27.19 -2.60
CA ASN F 77 -5.15 28.00 -2.14
C ASN F 77 -5.59 28.92 -1.00
N ILE F 78 -6.71 29.58 -1.20
CA ILE F 78 -7.25 30.48 -0.18
C ILE F 78 -7.54 29.73 1.12
N ILE F 79 -8.25 28.62 1.04
CA ILE F 79 -8.64 27.86 2.22
C ILE F 79 -7.43 27.29 2.91
N ASP F 80 -6.51 26.72 2.13
CA ASP F 80 -5.24 26.28 2.69
C ASP F 80 -4.51 27.43 3.42
N GLY F 81 -4.59 28.64 2.89
CA GLY F 81 -3.98 29.79 3.52
C GLY F 81 -4.60 30.14 4.87
N VAL F 82 -5.92 30.04 4.93
CA VAL F 82 -6.64 30.37 6.14
C VAL F 82 -6.37 29.33 7.25
N LEU F 83 -6.30 28.07 6.87
CA LEU F 83 -5.90 27.01 7.83
C LEU F 83 -4.43 27.14 8.23
N ARG F 84 -3.54 27.35 7.26
CA ARG F 84 -2.13 27.57 7.61
C ARG F 84 -1.98 28.74 8.65
N ASP F 85 -2.64 29.86 8.41
CA ASP F 85 -2.53 30.99 9.27
C ASP F 85 -3.22 30.82 10.61
N ASP F 86 -4.35 30.13 10.67
CA ASP F 86 -5.12 30.17 11.89
C ASP F 86 -5.31 28.84 12.60
N ASP F 87 -5.15 27.71 11.92
CA ASP F 87 -5.35 26.42 12.56
C ASP F 87 -4.13 26.00 13.35
N LYS F 88 -3.96 26.62 14.50
CA LYS F 88 -2.75 26.46 15.32
C LYS F 88 -2.52 25.04 15.79
N ASN F 89 -3.59 24.35 16.25
CA ASN F 89 -3.47 22.93 16.68
C ASN F 89 -3.58 21.89 15.55
N ASN F 90 -3.62 22.34 14.30
CA ASN F 90 -3.68 21.44 13.15
C ASN F 90 -4.76 20.32 13.20
N ASP F 91 -5.96 20.66 13.65
CA ASP F 91 -7.07 19.69 13.65
C ASP F 91 -7.99 19.81 12.40
N GLY F 92 -7.70 20.74 11.49
CA GLY F 92 -8.57 21.04 10.34
C GLY F 92 -9.77 21.94 10.63
N TYR F 93 -9.84 22.48 11.84
CA TYR F 93 -10.93 23.39 12.20
C TYR F 93 -10.38 24.69 12.69
N ILE F 94 -11.10 25.78 12.48
CA ILE F 94 -10.74 26.93 13.20
C ILE F 94 -11.79 27.22 14.29
N ASP F 95 -11.37 27.16 15.56
CA ASP F 95 -12.28 27.52 16.67
C ASP F 95 -12.35 29.03 16.87
N TYR F 96 -13.14 29.45 17.83
CA TYR F 96 -13.36 30.88 17.97
C TYR F 96 -12.08 31.61 18.39
N ALA F 97 -11.31 30.98 19.27
CA ALA F 97 -10.09 31.61 19.75
C ALA F 97 -9.13 31.74 18.56
N GLU F 98 -9.03 30.70 17.73
CA GLU F 98 -8.18 30.77 16.53
C GLU F 98 -8.65 31.88 15.57
N PHE F 99 -9.95 32.04 15.46
CA PHE F 99 -10.59 33.05 14.62
C PHE F 99 -10.35 34.45 15.15
N ALA F 100 -10.49 34.63 16.46
CA ALA F 100 -10.30 35.96 17.10
C ALA F 100 -8.81 36.37 17.14
N PRO G 19 -64.69 11.94 -34.65
CA PRO G 19 -63.36 12.49 -34.98
C PRO G 19 -62.25 11.41 -35.04
N HIS G 20 -61.48 11.38 -36.13
CA HIS G 20 -60.46 10.33 -36.35
C HIS G 20 -59.22 10.62 -35.52
N ARG G 21 -58.65 9.59 -34.89
CA ARG G 21 -57.38 9.76 -34.16
C ARG G 21 -56.22 9.18 -34.95
N ARG G 22 -55.14 9.94 -35.07
CA ARG G 22 -53.89 9.41 -35.62
C ARG G 22 -52.78 9.47 -34.57
N PHE G 23 -52.19 8.32 -34.23
CA PHE G 23 -51.06 8.31 -33.30
C PHE G 23 -49.85 8.98 -33.96
N GLU G 24 -49.19 9.82 -33.19
CA GLU G 24 -48.03 10.60 -33.68
C GLU G 24 -46.73 10.23 -32.91
N TYR G 25 -45.92 9.32 -33.48
CA TYR G 25 -44.81 8.74 -32.73
C TYR G 25 -43.78 9.79 -32.38
N LYS G 26 -43.68 10.80 -33.22
CA LYS G 26 -42.59 11.73 -33.15
C LYS G 26 -42.81 12.72 -32.02
N TYR G 27 -44.01 12.74 -31.47
CA TYR G 27 -44.36 13.64 -30.37
C TYR G 27 -44.75 12.85 -29.13
N SER G 28 -44.17 11.65 -29.03
CA SER G 28 -44.54 10.70 -27.98
C SER G 28 -43.32 9.97 -27.40
N PHE G 29 -43.50 9.44 -26.18
CA PHE G 29 -42.56 8.52 -25.62
C PHE G 29 -43.24 7.56 -24.65
N LYS G 30 -42.60 6.41 -24.44
CA LYS G 30 -43.09 5.44 -23.48
C LYS G 30 -42.07 4.31 -23.35
N GLY G 31 -42.28 3.47 -22.33
CA GLY G 31 -41.49 2.26 -22.10
C GLY G 31 -42.11 1.12 -22.87
N PRO G 32 -41.54 -0.08 -22.77
CA PRO G 32 -40.44 -0.48 -21.87
C PRO G 32 -39.01 -0.32 -22.33
N HIS G 33 -38.80 0.31 -23.46
CA HIS G 33 -37.46 0.65 -23.93
C HIS G 33 -37.48 2.15 -24.23
N LEU G 34 -37.79 2.94 -23.24
CA LEU G 34 -37.98 4.35 -23.44
C LEU G 34 -36.66 5.08 -23.75
N VAL G 35 -35.60 4.79 -23.00
CA VAL G 35 -34.32 5.42 -23.28
C VAL G 35 -33.46 4.61 -24.19
N GLN G 36 -32.63 5.33 -24.92
CA GLN G 36 -31.63 4.71 -25.75
C GLN G 36 -30.37 4.47 -24.92
N SER G 37 -29.44 3.72 -25.48
CA SER G 37 -28.23 3.30 -24.74
C SER G 37 -27.37 4.46 -24.35
N ASP G 38 -27.47 5.59 -25.03
CA ASP G 38 -26.78 6.81 -24.58
C ASP G 38 -27.56 7.60 -23.53
N GLY G 39 -28.61 7.02 -22.97
CA GLY G 39 -29.46 7.75 -22.04
C GLY G 39 -30.37 8.87 -22.57
N THR G 40 -30.58 8.96 -23.90
CA THR G 40 -31.50 9.93 -24.49
C THR G 40 -32.85 9.29 -24.79
N VAL G 41 -33.87 10.13 -24.87
CA VAL G 41 -35.20 9.76 -25.26
C VAL G 41 -35.37 10.15 -26.72
N PRO G 42 -35.69 9.19 -27.59
CA PRO G 42 -35.82 9.52 -29.00
C PRO G 42 -36.84 10.63 -29.25
N PHE G 43 -36.43 11.61 -30.04
CA PHE G 43 -37.27 12.68 -30.53
C PHE G 43 -37.55 13.76 -29.49
N TRP G 44 -37.03 13.58 -28.26
CA TRP G 44 -37.19 14.59 -27.21
C TRP G 44 -35.86 14.99 -26.65
N ALA G 45 -35.81 16.21 -26.16
CA ALA G 45 -34.66 16.71 -25.48
C ALA G 45 -35.03 16.80 -24.03
N HIS G 46 -34.08 16.46 -23.16
CA HIS G 46 -34.31 16.64 -21.73
C HIS G 46 -33.26 17.52 -21.08
N ALA G 47 -33.60 18.11 -19.95
CA ALA G 47 -32.70 19.05 -19.34
C ALA G 47 -32.91 19.10 -17.84
N GLY G 48 -31.99 19.82 -17.18
CA GLY G 48 -32.01 19.95 -15.74
C GLY G 48 -31.67 18.60 -15.21
N ASN G 49 -32.40 18.18 -14.18
CA ASN G 49 -32.16 16.91 -13.53
C ASN G 49 -33.15 15.81 -13.89
N ALA G 50 -33.88 15.96 -14.98
CA ALA G 50 -34.71 14.85 -15.50
C ALA G 50 -33.85 13.60 -15.74
N ILE G 51 -34.25 12.44 -15.23
CA ILE G 51 -33.56 11.19 -15.52
C ILE G 51 -34.48 10.25 -16.33
N PRO G 52 -34.18 10.10 -17.60
CA PRO G 52 -34.88 9.08 -18.39
C PRO G 52 -34.39 7.65 -18.02
N SER G 53 -35.30 6.71 -17.87
CA SER G 53 -34.96 5.31 -17.70
C SER G 53 -35.82 4.47 -18.63
N SER G 54 -35.72 3.15 -18.55
CA SER G 54 -36.32 2.30 -19.62
C SER G 54 -37.87 2.36 -19.59
N ASP G 55 -38.48 2.64 -18.45
CA ASP G 55 -39.94 2.60 -18.36
C ASP G 55 -40.60 3.86 -17.82
N GLN G 56 -39.80 4.90 -17.57
CA GLN G 56 -40.34 6.19 -17.20
C GLN G 56 -39.26 7.24 -17.18
N ILE G 57 -39.69 8.49 -17.13
CA ILE G 57 -38.77 9.58 -16.91
C ILE G 57 -39.02 10.16 -15.52
N ARG G 58 -37.99 10.21 -14.68
CA ARG G 58 -38.11 10.91 -13.44
C ARG G 58 -37.79 12.36 -13.74
N VAL G 59 -38.83 13.13 -14.02
CA VAL G 59 -38.67 14.50 -14.47
C VAL G 59 -38.04 15.36 -13.39
N ALA G 60 -38.40 15.11 -12.12
CA ALA G 60 -37.70 15.74 -11.02
C ALA G 60 -37.78 14.83 -9.83
N PRO G 61 -36.61 14.42 -9.31
CA PRO G 61 -36.60 13.50 -8.20
C PRO G 61 -36.88 14.23 -6.91
N SER G 62 -37.10 13.43 -5.88
CA SER G 62 -37.49 13.92 -4.58
C SER G 62 -36.26 14.46 -3.79
N LEU G 63 -35.55 15.39 -4.37
CA LEU G 63 -34.45 16.12 -3.72
C LEU G 63 -34.79 17.60 -3.69
N LYS G 64 -34.10 18.34 -2.83
CA LYS G 64 -34.33 19.79 -2.68
C LYS G 64 -34.00 20.55 -3.94
N SER G 65 -34.89 21.49 -4.27
CA SER G 65 -34.65 22.47 -5.30
C SER G 65 -34.27 21.91 -6.63
N GLN G 66 -35.12 21.06 -7.22
CA GLN G 66 -34.81 20.39 -8.46
C GLN G 66 -35.60 20.98 -9.55
N ARG G 67 -35.06 20.98 -10.77
CA ARG G 67 -35.79 21.28 -11.98
C ARG G 67 -35.45 20.28 -13.05
N GLY G 68 -36.44 19.88 -13.83
CA GLY G 68 -36.21 19.03 -14.99
C GLY G 68 -37.27 19.24 -16.02
N SER G 69 -36.94 18.97 -17.27
CA SER G 69 -37.92 19.01 -18.30
C SER G 69 -37.59 18.10 -19.44
N VAL G 70 -38.61 17.87 -20.27
CA VAL G 70 -38.48 17.04 -21.44
C VAL G 70 -39.37 17.66 -22.47
N TRP G 71 -38.80 18.00 -23.62
CA TRP G 71 -39.55 18.70 -24.69
C TRP G 71 -39.30 18.01 -26.03
N THR G 72 -40.29 18.04 -26.91
CA THR G 72 -40.12 17.53 -28.27
C THR G 72 -39.07 18.37 -29.02
N LYS G 73 -38.24 17.71 -29.81
CA LYS G 73 -37.24 18.38 -30.60
C LYS G 73 -37.83 19.25 -31.69
N THR G 74 -38.91 18.80 -32.31
CA THR G 74 -39.53 19.59 -33.33
C THR G 74 -40.95 20.01 -32.97
N LYS G 75 -41.46 20.95 -33.77
CA LYS G 75 -42.78 21.49 -33.56
C LYS G 75 -43.79 20.58 -34.22
N ALA G 76 -44.94 20.45 -33.58
CA ALA G 76 -46.11 19.86 -34.18
C ALA G 76 -46.96 20.95 -34.81
N ALA G 77 -47.62 20.61 -35.93
CA ALA G 77 -48.57 21.51 -36.62
C ALA G 77 -49.90 20.77 -36.77
N PHE G 78 -50.69 20.71 -35.71
CA PHE G 78 -51.97 20.02 -35.75
C PHE G 78 -53.08 20.98 -35.40
N GLU G 79 -54.11 21.02 -36.22
CA GLU G 79 -55.28 21.84 -35.94
C GLU G 79 -55.87 21.40 -34.60
N ASN G 80 -55.99 20.10 -34.44
CA ASN G 80 -56.52 19.52 -33.24
C ASN G 80 -55.67 18.37 -32.77
N TRP G 81 -55.60 18.21 -31.45
CA TRP G 81 -54.85 17.13 -30.90
C TRP G 81 -55.38 16.65 -29.57
N GLU G 82 -54.83 15.52 -29.15
CA GLU G 82 -55.09 14.93 -27.85
C GLU G 82 -53.78 14.32 -27.32
N VAL G 83 -53.42 14.62 -26.08
CA VAL G 83 -52.30 13.96 -25.44
C VAL G 83 -52.76 13.20 -24.21
N GLU G 84 -52.20 11.98 -24.02
CA GLU G 84 -52.42 11.22 -22.78
C GLU G 84 -51.10 11.06 -22.07
N VAL G 85 -51.04 11.64 -20.88
CA VAL G 85 -49.86 11.63 -20.06
C VAL G 85 -50.14 10.80 -18.85
N THR G 86 -49.33 9.76 -18.65
CA THR G 86 -49.51 8.84 -17.52
C THR G 86 -48.34 9.09 -16.58
N PHE G 87 -48.61 9.34 -15.31
CA PHE G 87 -47.58 9.85 -14.40
C PHE G 87 -47.84 9.47 -12.96
N ARG G 88 -46.80 9.52 -12.13
CA ARG G 88 -46.93 9.39 -10.67
C ARG G 88 -46.23 10.56 -10.01
N VAL G 89 -46.87 11.12 -9.01
CA VAL G 89 -46.24 12.05 -8.10
C VAL G 89 -46.29 11.41 -6.71
N THR G 90 -45.12 11.10 -6.17
CA THR G 90 -44.99 10.32 -4.96
C THR G 90 -44.05 11.03 -3.95
N GLY G 91 -44.46 11.05 -2.69
CA GLY G 91 -43.78 11.75 -1.61
C GLY G 91 -44.23 11.29 -0.23
N ARG G 92 -43.34 11.33 0.75
CA ARG G 92 -43.64 10.93 2.14
C ARG G 92 -44.84 11.68 2.73
N GLY G 93 -44.83 13.01 2.67
CA GLY G 93 -45.92 13.76 3.24
C GLY G 93 -47.35 13.63 2.65
N ARG G 94 -48.33 13.95 3.47
CA ARG G 94 -49.63 14.40 3.01
C ARG G 94 -49.46 15.75 2.27
N ILE G 95 -48.35 16.44 2.46
CA ILE G 95 -48.00 17.62 1.65
C ILE G 95 -46.77 17.35 0.80
N GLY G 96 -46.77 17.88 -0.43
CA GLY G 96 -45.61 17.73 -1.35
C GLY G 96 -45.40 18.96 -2.20
N ALA G 97 -44.33 18.97 -2.99
CA ALA G 97 -44.05 20.11 -3.88
C ALA G 97 -43.06 19.72 -4.94
N ASP G 98 -42.97 20.48 -6.03
CA ASP G 98 -43.89 21.56 -6.35
C ASP G 98 -45.01 21.15 -7.28
N GLY G 99 -44.71 20.19 -8.15
CA GLY G 99 -45.68 19.67 -9.06
C GLY G 99 -45.09 19.58 -10.44
N LEU G 100 -46.00 19.36 -11.38
CA LEU G 100 -45.69 18.89 -12.72
C LEU G 100 -46.50 19.73 -13.69
N ALA G 101 -45.90 20.08 -14.83
CA ALA G 101 -46.62 20.85 -15.84
C ALA G 101 -46.57 20.13 -17.18
N ILE G 102 -47.67 20.19 -17.92
CA ILE G 102 -47.75 19.70 -19.29
C ILE G 102 -47.89 20.91 -20.21
N TRP G 103 -47.13 20.94 -21.31
CA TRP G 103 -46.95 22.13 -22.12
C TRP G 103 -47.29 21.90 -23.55
N TYR G 104 -47.95 22.88 -24.14
CA TYR G 104 -47.92 23.11 -25.58
C TYR G 104 -47.53 24.58 -25.79
N ALA G 105 -46.40 24.82 -26.45
CA ALA G 105 -45.84 26.16 -26.55
C ALA G 105 -44.99 26.36 -27.77
N GLU G 106 -44.96 27.62 -28.24
CA GLU G 106 -44.21 28.02 -29.44
C GLU G 106 -42.77 27.59 -29.31
N ASN G 107 -42.16 27.93 -28.17
CA ASN G 107 -40.77 27.66 -27.93
C ASN G 107 -40.51 26.61 -26.84
N GLN G 108 -39.50 25.76 -27.07
CA GLN G 108 -39.02 24.88 -26.04
C GLN G 108 -38.68 25.71 -24.82
N GLY G 109 -39.27 25.38 -23.67
CA GLY G 109 -38.94 26.03 -22.41
C GLY G 109 -38.10 25.13 -21.50
N LEU G 110 -36.95 24.69 -21.98
CA LEU G 110 -36.18 23.64 -21.33
C LEU G 110 -35.76 23.88 -19.86
N GLU G 111 -35.23 25.06 -19.57
CA GLU G 111 -34.89 25.42 -18.19
C GLU G 111 -35.66 26.67 -17.84
N GLY G 112 -35.96 26.86 -16.56
CA GLY G 112 -36.67 28.05 -16.08
C GLY G 112 -37.40 27.82 -14.77
N PRO G 113 -38.00 28.88 -14.21
CA PRO G 113 -38.58 28.83 -12.85
C PRO G 113 -40.05 28.37 -12.77
N VAL G 114 -40.68 28.10 -13.92
CA VAL G 114 -42.10 27.65 -13.91
C VAL G 114 -42.21 26.12 -14.00
N PHE G 115 -42.40 25.50 -12.85
CA PHE G 115 -42.31 24.07 -12.73
C PHE G 115 -41.14 23.52 -13.57
N GLY G 116 -40.00 24.18 -13.45
CA GLY G 116 -38.77 23.73 -14.11
C GLY G 116 -38.58 24.24 -15.51
N SER G 117 -39.59 24.90 -16.07
CA SER G 117 -39.51 25.38 -17.44
C SER G 117 -39.60 26.90 -17.50
N ALA G 118 -39.28 27.41 -18.70
CA ALA G 118 -39.29 28.84 -19.02
C ALA G 118 -40.64 29.53 -18.74
N ASP G 119 -40.56 30.70 -18.08
CA ASP G 119 -41.68 31.65 -17.92
C ASP G 119 -41.93 32.37 -19.26
N LEU G 120 -43.01 33.15 -19.34
CA LEU G 120 -43.29 33.94 -20.54
C LEU G 120 -43.35 33.07 -21.80
N TRP G 121 -44.14 32.01 -21.73
CA TRP G 121 -44.26 31.07 -22.81
C TRP G 121 -45.38 31.59 -23.66
N ASN G 122 -45.40 31.20 -24.91
CA ASN G 122 -46.54 31.47 -25.75
C ASN G 122 -47.33 30.18 -26.02
N GLY G 123 -48.46 30.04 -25.34
CA GLY G 123 -49.33 28.87 -25.52
C GLY G 123 -49.87 28.51 -24.18
N VAL G 124 -50.01 27.20 -23.92
CA VAL G 124 -50.71 26.71 -22.72
C VAL G 124 -49.86 25.80 -21.81
N GLY G 125 -49.96 26.05 -20.51
CA GLY G 125 -49.45 25.18 -19.47
C GLY G 125 -50.60 24.58 -18.67
N ILE G 126 -50.58 23.28 -18.45
CA ILE G 126 -51.55 22.65 -17.54
C ILE G 126 -50.77 22.23 -16.33
N PHE G 127 -50.99 22.92 -15.22
CA PHE G 127 -50.16 22.80 -14.07
C PHE G 127 -50.78 21.93 -13.01
N PHE G 128 -50.05 20.88 -12.61
CA PHE G 128 -50.45 19.99 -11.52
C PHE G 128 -49.67 20.42 -10.26
N ASP G 129 -50.32 21.25 -9.46
CA ASP G 129 -49.66 22.09 -8.49
C ASP G 129 -49.94 21.51 -7.13
N SER G 130 -48.93 20.90 -6.55
CA SER G 130 -49.04 20.20 -5.29
C SER G 130 -49.07 21.16 -4.12
N PHE G 131 -48.41 22.30 -4.26
CA PHE G 131 -48.07 23.07 -3.08
C PHE G 131 -48.81 24.39 -3.05
N ASP G 132 -49.51 24.55 -1.93
CA ASP G 132 -50.43 25.66 -1.64
C ASP G 132 -49.68 26.93 -1.24
N ASN G 133 -49.20 27.65 -2.24
CA ASN G 133 -48.30 28.78 -2.02
C ASN G 133 -49.00 29.94 -1.31
N ASP G 134 -50.25 30.21 -1.71
CA ASP G 134 -51.08 31.28 -1.12
C ASP G 134 -51.95 30.80 0.06
N GLY G 135 -51.62 29.67 0.67
CA GLY G 135 -52.31 29.20 1.85
C GLY G 135 -53.84 29.08 1.83
N LYS G 136 -54.44 28.98 0.65
CA LYS G 136 -55.91 28.86 0.51
C LYS G 136 -56.52 27.45 0.65
N LYS G 137 -55.76 26.49 1.19
CA LYS G 137 -56.22 25.10 1.38
C LYS G 137 -57.00 24.53 0.22
N ASN G 138 -56.54 24.83 -0.99
CA ASN G 138 -57.16 24.34 -2.21
C ASN G 138 -56.12 23.62 -3.14
N ASN G 139 -55.28 22.75 -2.56
CA ASN G 139 -54.31 21.96 -3.31
C ASN G 139 -54.32 20.55 -2.80
N PRO G 140 -53.92 19.58 -3.63
CA PRO G 140 -53.42 19.75 -4.98
C PRO G 140 -54.48 20.28 -5.93
N ALA G 141 -54.04 21.07 -6.91
CA ALA G 141 -54.91 21.59 -7.93
C ALA G 141 -54.32 21.38 -9.30
N ILE G 142 -55.20 21.42 -10.29
CA ILE G 142 -54.83 21.39 -11.68
C ILE G 142 -55.33 22.67 -12.27
N VAL G 143 -54.44 23.42 -12.90
CA VAL G 143 -54.74 24.79 -13.33
C VAL G 143 -54.35 24.96 -14.77
N ILE G 144 -55.27 25.42 -15.60
CA ILE G 144 -54.94 25.72 -17.00
C ILE G 144 -54.56 27.19 -17.12
N ILE G 145 -53.39 27.49 -17.68
CA ILE G 145 -52.93 28.87 -17.87
C ILE G 145 -52.41 29.13 -19.29
N GLY G 146 -53.14 29.99 -20.01
CA GLY G 146 -52.76 30.43 -21.35
C GLY G 146 -51.81 31.56 -21.16
N ASN G 147 -50.97 31.80 -22.14
CA ASN G 147 -50.01 32.89 -22.04
C ASN G 147 -49.64 33.28 -23.46
N ASN G 148 -49.15 34.51 -23.63
CA ASN G 148 -48.97 35.10 -24.96
C ASN G 148 -47.56 35.62 -25.14
N GLY G 149 -46.67 35.27 -24.22
CA GLY G 149 -45.27 35.72 -24.26
C GLY G 149 -44.96 36.80 -23.22
N GLN G 150 -45.98 37.28 -22.51
CA GLN G 150 -45.83 38.46 -21.64
C GLN G 150 -46.24 38.29 -20.18
N ILE G 151 -46.96 37.22 -19.84
CA ILE G 151 -47.40 37.02 -18.44
C ILE G 151 -46.30 36.32 -17.64
N HIS G 152 -45.91 36.91 -16.52
CA HIS G 152 -45.03 36.25 -15.58
C HIS G 152 -45.91 35.36 -14.71
N TYR G 153 -45.61 34.07 -14.68
CA TYR G 153 -46.39 33.16 -13.85
C TYR G 153 -46.34 33.56 -12.35
N ASP G 154 -47.54 33.62 -11.77
CA ASP G 154 -47.73 33.99 -10.39
C ASP G 154 -47.57 32.80 -9.45
N HIS G 155 -46.30 32.44 -9.17
CA HIS G 155 -45.94 31.33 -8.24
C HIS G 155 -46.64 31.46 -6.86
N GLN G 156 -46.67 32.66 -6.28
CA GLN G 156 -47.18 32.83 -4.89
C GLN G 156 -48.67 32.52 -4.73
N ASN G 157 -49.43 32.76 -5.78
CA ASN G 157 -50.88 32.51 -5.77
C ASN G 157 -51.31 31.27 -6.55
N ASP G 158 -50.38 30.36 -6.83
CA ASP G 158 -50.69 29.15 -7.57
C ASP G 158 -51.39 29.48 -8.89
N GLY G 159 -50.97 30.57 -9.53
CA GLY G 159 -51.64 31.09 -10.71
C GLY G 159 -53.12 31.42 -10.62
N ALA G 160 -53.66 31.59 -9.42
CA ALA G 160 -55.14 31.74 -9.21
C ALA G 160 -55.81 32.86 -10.03
N SER G 161 -55.13 33.98 -10.21
CA SER G 161 -55.67 35.10 -10.98
C SER G 161 -55.47 34.94 -12.48
N GLN G 162 -54.49 34.13 -12.88
CA GLN G 162 -54.19 33.91 -14.31
C GLN G 162 -54.90 32.69 -14.95
N ALA G 163 -55.59 31.90 -14.11
CA ALA G 163 -56.18 30.63 -14.51
C ALA G 163 -57.42 30.82 -15.34
N LEU G 164 -57.35 30.37 -16.58
CA LEU G 164 -58.50 30.25 -17.43
C LEU G 164 -59.50 29.24 -16.87
N ALA G 165 -59.04 28.26 -16.12
CA ALA G 165 -59.93 27.26 -15.51
C ALA G 165 -59.14 26.32 -14.62
N SER G 166 -59.82 25.63 -13.73
CA SER G 166 -59.10 24.82 -12.75
C SER G 166 -60.00 23.82 -12.05
N CYS G 167 -59.39 22.84 -11.40
CA CYS G 167 -60.12 21.87 -10.62
C CYS G 167 -59.26 21.49 -9.46
N GLN G 168 -59.89 20.90 -8.45
CA GLN G 168 -59.15 20.37 -7.31
C GLN G 168 -59.15 18.86 -7.45
N ARG G 169 -58.00 18.24 -7.30
CA ARG G 169 -57.85 16.83 -7.61
C ARG G 169 -56.55 16.40 -7.03
N ASP G 170 -56.60 15.46 -6.12
CA ASP G 170 -55.40 15.05 -5.42
C ASP G 170 -54.69 13.99 -6.29
N PHE G 171 -53.69 14.40 -7.04
CA PHE G 171 -52.99 13.47 -7.93
C PHE G 171 -51.73 12.82 -7.32
N ARG G 172 -51.53 12.98 -5.99
CA ARG G 172 -50.36 12.45 -5.32
C ARG G 172 -50.56 11.12 -4.66
N ASN G 173 -49.56 10.24 -4.72
CA ASN G 173 -49.55 9.03 -3.91
C ASN G 173 -50.77 8.17 -4.13
N LYS G 174 -51.07 7.87 -5.40
CA LYS G 174 -52.17 7.00 -5.74
C LYS G 174 -51.74 5.60 -6.12
N PRO G 175 -52.61 4.60 -5.94
CA PRO G 175 -52.13 3.24 -6.12
C PRO G 175 -51.82 2.87 -7.54
N TYR G 176 -52.47 3.47 -8.52
CA TYR G 176 -52.16 3.27 -9.96
C TYR G 176 -51.82 4.62 -10.52
N PRO G 177 -51.13 4.67 -11.68
CA PRO G 177 -50.72 5.92 -12.28
C PRO G 177 -51.90 6.82 -12.53
N VAL G 178 -51.70 8.12 -12.34
CA VAL G 178 -52.68 9.12 -12.71
C VAL G 178 -52.55 9.35 -14.21
N ARG G 179 -53.66 9.68 -14.87
CA ARG G 179 -53.67 9.92 -16.33
C ARG G 179 -54.42 11.19 -16.61
N ALA G 180 -53.78 12.05 -17.40
CA ALA G 180 -54.35 13.29 -17.87
C ALA G 180 -54.55 13.17 -19.36
N LYS G 181 -55.80 13.26 -19.80
CA LYS G 181 -56.15 13.33 -21.22
C LYS G 181 -56.51 14.78 -21.48
N ILE G 182 -55.75 15.39 -22.38
CA ILE G 182 -55.85 16.78 -22.65
C ILE G 182 -56.16 16.91 -24.12
N THR G 183 -57.34 17.46 -24.44
CA THR G 183 -57.86 17.48 -25.81
C THR G 183 -58.02 18.91 -26.28
N TYR G 184 -57.46 19.23 -27.44
CA TYR G 184 -57.70 20.51 -28.12
C TYR G 184 -58.51 20.22 -29.39
N TYR G 185 -59.80 20.50 -29.34
CA TYR G 185 -60.69 20.17 -30.45
C TYR G 185 -61.75 21.26 -30.67
N GLN G 186 -61.80 21.79 -31.90
CA GLN G 186 -62.71 22.88 -32.30
C GLN G 186 -62.58 24.04 -31.34
N ASN G 187 -61.35 24.48 -31.15
CA ASN G 187 -61.01 25.59 -30.29
C ASN G 187 -61.24 25.43 -28.78
N THR G 188 -61.74 24.28 -28.33
CA THR G 188 -61.89 24.05 -26.89
C THR G 188 -60.82 23.06 -26.27
N LEU G 189 -60.21 23.49 -25.18
CA LEU G 189 -59.23 22.71 -24.45
C LEU G 189 -59.91 22.07 -23.29
N THR G 190 -60.02 20.75 -23.29
CA THR G 190 -60.57 19.99 -22.18
C THR G 190 -59.47 19.18 -21.44
N VAL G 191 -59.62 19.03 -20.13
CA VAL G 191 -58.72 18.23 -19.33
C VAL G 191 -59.54 17.24 -18.57
N MET G 192 -59.25 15.97 -18.78
CA MET G 192 -59.87 14.85 -18.09
C MET G 192 -58.76 14.12 -17.30
N ILE G 193 -59.10 13.61 -16.11
CA ILE G 193 -58.15 13.00 -15.26
C ILE G 193 -58.68 11.67 -14.81
N ASN G 194 -57.82 10.65 -14.90
CA ASN G 194 -58.04 9.41 -14.24
C ASN G 194 -57.19 9.46 -12.98
N ASN G 195 -57.83 9.40 -11.82
CA ASN G 195 -57.17 9.74 -10.55
C ASN G 195 -56.35 8.57 -9.96
N GLY G 196 -56.33 7.42 -10.63
CA GLY G 196 -55.47 6.33 -10.22
C GLY G 196 -55.95 5.54 -9.04
N PHE G 197 -57.24 5.59 -8.74
CA PHE G 197 -57.80 4.82 -7.58
C PHE G 197 -58.02 3.36 -7.84
N THR G 198 -58.18 2.99 -9.11
CA THR G 198 -58.46 1.61 -9.47
C THR G 198 -57.62 1.19 -10.68
N PRO G 199 -57.63 -0.09 -11.05
CA PRO G 199 -56.90 -0.51 -12.26
C PRO G 199 -57.45 -0.12 -13.62
N ASP G 200 -58.53 0.63 -13.67
CA ASP G 200 -59.20 0.83 -14.91
C ASP G 200 -58.57 2.06 -15.56
N LYS G 201 -57.74 1.83 -16.58
CA LYS G 201 -57.05 2.96 -17.23
C LYS G 201 -58.01 3.92 -17.96
N ASN G 202 -59.31 3.60 -18.07
CA ASN G 202 -60.27 4.53 -18.73
C ASN G 202 -61.27 5.19 -17.85
N ASP G 203 -61.09 5.11 -16.54
CA ASP G 203 -62.00 5.81 -15.64
C ASP G 203 -61.57 7.27 -15.47
N TYR G 204 -61.85 8.05 -16.50
CA TYR G 204 -61.64 9.48 -16.50
C TYR G 204 -62.81 10.27 -15.93
N GLU G 205 -62.51 11.37 -15.25
CA GLU G 205 -63.49 12.32 -14.73
C GLU G 205 -63.14 13.71 -15.24
N PHE G 206 -64.17 14.50 -15.51
CA PHE G 206 -63.99 15.86 -15.99
C PHE G 206 -63.21 16.66 -14.97
N CYS G 207 -62.33 17.52 -15.45
CA CYS G 207 -61.59 18.39 -14.54
C CYS G 207 -61.80 19.86 -14.91
N ALA G 208 -61.59 20.23 -16.18
CA ALA G 208 -61.71 21.60 -16.61
C ALA G 208 -61.74 21.72 -18.13
N LYS G 209 -62.06 22.91 -18.60
CA LYS G 209 -62.47 23.16 -19.98
C LYS G 209 -62.32 24.64 -20.24
N VAL G 210 -61.92 24.99 -21.44
CA VAL G 210 -61.79 26.38 -21.83
C VAL G 210 -62.24 26.49 -23.27
N GLU G 211 -63.33 27.25 -23.50
CA GLU G 211 -63.92 27.44 -24.84
C GLU G 211 -63.15 28.58 -25.50
N ASN G 212 -63.08 28.55 -26.83
CA ASN G 212 -62.41 29.62 -27.60
C ASN G 212 -60.97 29.91 -27.20
N MET G 213 -60.23 28.83 -26.98
CA MET G 213 -58.81 28.90 -26.62
C MET G 213 -58.03 29.06 -27.93
N ILE G 214 -57.17 30.08 -27.98
CA ILE G 214 -56.26 30.28 -29.10
C ILE G 214 -54.87 29.90 -28.60
N ILE G 215 -54.18 29.11 -29.41
CA ILE G 215 -52.83 28.67 -29.11
C ILE G 215 -52.11 28.62 -30.44
N PRO G 216 -50.77 28.68 -30.43
CA PRO G 216 -50.10 28.71 -31.72
C PRO G 216 -50.50 27.54 -32.60
N ALA G 217 -50.31 27.72 -33.90
CA ALA G 217 -50.62 26.70 -34.89
C ALA G 217 -49.46 25.72 -34.95
N GLN G 218 -48.29 26.13 -34.45
CA GLN G 218 -47.16 25.24 -34.30
C GLN G 218 -46.59 25.35 -32.91
N GLY G 219 -46.36 24.20 -32.27
CA GLY G 219 -45.72 24.17 -30.96
C GLY G 219 -44.96 22.91 -30.66
N HIS G 220 -44.09 23.04 -29.68
CA HIS G 220 -43.45 21.92 -29.01
C HIS G 220 -44.36 21.46 -27.89
N PHE G 221 -44.48 20.16 -27.73
CA PHE G 221 -45.10 19.62 -26.52
C PHE G 221 -43.99 19.43 -25.51
N GLY G 222 -44.33 19.50 -24.23
CA GLY G 222 -43.33 19.35 -23.21
C GLY G 222 -43.91 18.94 -21.87
N ILE G 223 -43.03 18.49 -21.00
CA ILE G 223 -43.41 18.15 -19.65
C ILE G 223 -42.28 18.55 -18.73
N SER G 224 -42.60 19.08 -17.56
CA SER G 224 -41.57 19.54 -16.63
C SER G 224 -42.02 19.42 -15.19
N ALA G 225 -41.07 19.53 -14.26
CA ALA G 225 -41.38 19.49 -12.84
C ALA G 225 -40.32 20.15 -11.99
N ALA G 226 -40.66 20.42 -10.74
CA ALA G 226 -39.71 21.05 -9.83
C ALA G 226 -40.01 20.69 -8.38
N THR G 227 -39.01 20.91 -7.52
CA THR G 227 -39.20 20.80 -6.07
C THR G 227 -38.63 22.02 -5.38
N GLY G 228 -38.81 22.08 -4.06
CA GLY G 228 -38.23 23.19 -3.27
C GLY G 228 -37.60 22.60 -2.04
N GLY G 229 -38.00 23.09 -0.87
CA GLY G 229 -37.62 22.48 0.36
C GLY G 229 -38.37 21.20 0.59
N LEU G 230 -39.65 21.15 0.24
CA LEU G 230 -40.33 19.86 0.10
C LEU G 230 -40.13 19.37 -1.32
N ALA G 231 -40.05 18.06 -1.48
CA ALA G 231 -39.83 17.46 -2.77
C ALA G 231 -40.52 16.09 -2.93
N ASP G 232 -41.32 15.92 -3.99
CA ASP G 232 -41.80 14.59 -4.46
C ASP G 232 -40.98 14.10 -5.65
N ASP G 233 -41.02 12.81 -5.89
CA ASP G 233 -40.57 12.28 -7.15
C ASP G 233 -41.67 12.54 -8.13
N HIS G 234 -41.34 13.17 -9.25
CA HIS G 234 -42.26 13.35 -10.35
C HIS G 234 -41.89 12.44 -11.54
N ASP G 235 -42.72 11.45 -11.84
CA ASP G 235 -42.41 10.46 -12.86
C ASP G 235 -43.45 10.45 -13.97
N VAL G 236 -43.00 10.46 -15.21
CA VAL G 236 -43.88 10.30 -16.35
C VAL G 236 -43.58 8.98 -17.04
N LEU G 237 -44.55 8.07 -17.03
CA LEU G 237 -44.39 6.76 -17.64
C LEU G 237 -44.54 6.87 -19.15
N SER G 238 -45.44 7.73 -19.59
CA SER G 238 -45.70 7.85 -20.99
C SER G 238 -46.36 9.18 -21.35
N PHE G 239 -46.02 9.66 -22.54
CA PHE G 239 -46.63 10.86 -23.15
C PHE G 239 -47.02 10.46 -24.57
N LEU G 240 -48.33 10.39 -24.84
CA LEU G 240 -48.83 9.81 -26.09
C LEU G 240 -49.71 10.83 -26.80
N THR G 241 -49.28 11.20 -27.99
CA THR G 241 -49.86 12.32 -28.76
C THR G 241 -50.63 11.83 -29.98
N PHE G 242 -51.85 12.36 -30.13
CA PHE G 242 -52.70 12.03 -31.29
C PHE G 242 -53.12 13.29 -32.00
N GLN G 243 -53.04 13.24 -33.32
CA GLN G 243 -53.69 14.21 -34.19
C GLN G 243 -55.16 13.82 -34.38
N LEU G 244 -56.06 14.79 -34.19
CA LEU G 244 -57.49 14.60 -34.49
C LEU G 244 -57.83 15.28 -35.82
N THR G 245 -58.69 14.66 -36.63
CA THR G 245 -59.21 15.33 -37.85
C THR G 245 -60.73 15.18 -37.91
N MET H 25 -40.35 -23.69 -39.72
CA MET H 25 -41.27 -22.53 -39.50
C MET H 25 -41.47 -21.75 -40.79
N SER H 26 -42.72 -21.67 -41.23
CA SER H 26 -43.01 -21.07 -42.53
C SER H 26 -42.75 -19.56 -42.50
N PRO H 27 -42.34 -18.97 -43.63
CA PRO H 27 -42.38 -17.51 -43.70
C PRO H 27 -43.50 -16.88 -42.86
N GLN H 28 -44.71 -17.40 -43.01
CA GLN H 28 -45.89 -16.82 -42.36
C GLN H 28 -45.73 -16.77 -40.84
N GLU H 29 -45.03 -17.74 -40.27
CA GLU H 29 -44.81 -17.72 -38.83
C GLU H 29 -43.64 -16.89 -38.35
N LEU H 30 -42.54 -16.85 -39.11
CA LEU H 30 -41.41 -15.94 -38.79
C LEU H 30 -41.89 -14.49 -38.79
N GLN H 31 -42.87 -14.20 -39.64
CA GLN H 31 -43.44 -12.88 -39.71
C GLN H 31 -44.27 -12.56 -38.47
N LEU H 32 -45.19 -13.45 -38.15
CA LEU H 32 -46.01 -13.34 -36.93
C LEU H 32 -45.10 -13.15 -35.74
N HIS H 33 -44.07 -13.98 -35.63
CA HIS H 33 -43.12 -13.86 -34.56
C HIS H 33 -42.47 -12.47 -34.45
N TYR H 34 -42.06 -11.90 -35.60
CA TYR H 34 -41.52 -10.55 -35.66
C TYR H 34 -42.51 -9.53 -35.23
N PHE H 35 -43.74 -9.65 -35.72
CA PHE H 35 -44.78 -8.71 -35.37
C PHE H 35 -44.95 -8.74 -33.85
N LYS H 36 -45.07 -9.92 -33.30
CA LYS H 36 -45.39 -10.03 -31.86
C LYS H 36 -44.19 -9.59 -31.04
N MET H 37 -42.98 -9.91 -31.51
CA MET H 37 -41.77 -9.53 -30.78
C MET H 37 -41.60 -8.02 -30.58
N HIS H 38 -42.10 -7.18 -31.48
CA HIS H 38 -41.98 -5.74 -31.27
C HIS H 38 -43.27 -5.08 -30.88
N ASP H 39 -44.26 -5.89 -30.57
CA ASP H 39 -45.51 -5.37 -30.03
C ASP H 39 -45.46 -5.21 -28.52
N TYR H 40 -44.63 -4.28 -28.06
CA TYR H 40 -44.29 -4.22 -26.62
C TYR H 40 -45.45 -3.91 -25.68
N ASP H 41 -46.47 -3.20 -26.12
CA ASP H 41 -47.64 -2.99 -25.26
C ASP H 41 -48.79 -4.00 -25.53
N GLY H 42 -48.55 -4.94 -26.44
CA GLY H 42 -49.45 -6.09 -26.65
C GLY H 42 -50.81 -5.73 -27.20
N ASN H 43 -50.93 -4.60 -27.88
CA ASN H 43 -52.21 -4.21 -28.46
C ASN H 43 -52.40 -4.66 -29.93
N ASN H 44 -51.53 -5.53 -30.44
CA ASN H 44 -51.64 -6.02 -31.86
C ASN H 44 -51.60 -4.89 -32.91
N LEU H 45 -50.89 -3.81 -32.54
CA LEU H 45 -50.63 -2.73 -33.43
C LEU H 45 -49.15 -2.33 -33.27
N LEU H 46 -48.51 -1.99 -34.37
CA LEU H 46 -47.13 -1.50 -34.33
C LEU H 46 -47.18 -0.01 -34.56
N ASP H 47 -46.62 0.75 -33.63
CA ASP H 47 -46.53 2.18 -33.80
C ASP H 47 -45.06 2.59 -34.05
N GLY H 48 -44.85 3.85 -34.35
CA GLY H 48 -43.54 4.29 -34.78
C GLY H 48 -42.48 4.14 -33.68
N LEU H 49 -42.87 4.29 -32.43
CA LEU H 49 -41.93 4.12 -31.30
C LEU H 49 -41.49 2.67 -31.19
N GLU H 50 -42.43 1.76 -31.41
CA GLU H 50 -42.11 0.36 -31.48
C GLU H 50 -41.26 0.00 -32.66
N LEU H 51 -41.53 0.61 -33.81
CA LEU H 51 -40.65 0.36 -34.97
C LEU H 51 -39.26 0.94 -34.74
N SER H 52 -39.18 2.09 -34.06
CA SER H 52 -37.90 2.67 -33.84
C SER H 52 -37.05 1.74 -32.99
N THR H 53 -37.62 1.14 -31.95
CA THR H 53 -36.82 0.21 -31.15
C THR H 53 -36.45 -1.03 -31.95
N ALA H 54 -37.30 -1.50 -32.84
CA ALA H 54 -36.89 -2.60 -33.73
C ALA H 54 -35.69 -2.22 -34.59
N ILE H 55 -35.64 -0.99 -35.07
CA ILE H 55 -34.63 -0.55 -36.03
C ILE H 55 -33.38 -0.36 -35.25
N THR H 56 -33.51 0.21 -34.07
CA THR H 56 -32.37 0.58 -33.27
C THR H 56 -31.71 -0.61 -32.55
N HIS H 57 -32.40 -1.73 -32.46
CA HIS H 57 -31.90 -2.90 -31.75
C HIS H 57 -30.84 -3.65 -32.60
N ALA H 67 -20.18 0.60 -31.17
CA ALA H 67 -20.91 1.39 -32.18
C ALA H 67 -21.64 2.60 -31.59
N PRO H 68 -21.69 3.72 -32.34
CA PRO H 68 -22.55 4.85 -31.96
C PRO H 68 -23.99 4.61 -32.43
N LEU H 69 -24.89 5.39 -31.90
CA LEU H 69 -26.29 5.24 -32.25
C LEU H 69 -26.56 5.78 -33.65
N MET H 70 -27.62 5.29 -34.29
CA MET H 70 -27.95 5.84 -35.58
C MET H 70 -28.54 7.24 -35.47
N SER H 71 -28.40 8.01 -36.53
CA SER H 71 -28.90 9.34 -36.54
C SER H 71 -30.42 9.35 -36.37
N GLU H 72 -30.96 10.25 -35.55
CA GLU H 72 -32.41 10.40 -35.45
C GLU H 72 -33.13 10.69 -36.78
N ASP H 73 -32.51 11.54 -37.57
CA ASP H 73 -33.07 12.00 -38.83
C ASP H 73 -33.29 10.83 -39.75
N GLU H 74 -32.39 9.88 -39.73
CA GLU H 74 -32.51 8.77 -40.62
C GLU H 74 -33.57 7.82 -40.09
N LEU H 75 -33.61 7.71 -38.77
CA LEU H 75 -34.60 6.95 -38.12
C LEU H 75 -36.00 7.48 -38.47
N ILE H 76 -36.17 8.81 -38.43
CA ILE H 76 -37.39 9.45 -38.85
C ILE H 76 -37.79 9.15 -40.31
N ASN H 77 -36.82 9.13 -41.23
CA ASN H 77 -37.13 8.86 -42.65
C ASN H 77 -37.59 7.45 -42.81
N ILE H 78 -36.88 6.50 -42.23
CA ILE H 78 -37.25 5.11 -42.35
C ILE H 78 -38.69 4.94 -41.85
N ILE H 79 -38.97 5.40 -40.62
CA ILE H 79 -40.25 5.16 -40.02
C ILE H 79 -41.35 5.85 -40.84
N ASP H 80 -41.11 7.11 -41.21
CA ASP H 80 -42.07 7.87 -42.06
C ASP H 80 -42.32 7.14 -43.38
N GLY H 81 -41.29 6.49 -43.90
CA GLY H 81 -41.47 5.67 -45.09
C GLY H 81 -42.36 4.46 -44.87
N VAL H 82 -42.17 3.79 -43.75
CA VAL H 82 -42.93 2.57 -43.45
C VAL H 82 -44.42 2.89 -43.27
N LEU H 83 -44.71 3.98 -42.60
CA LEU H 83 -46.07 4.41 -42.43
C LEU H 83 -46.70 4.90 -43.76
N ARG H 84 -45.97 5.71 -44.51
CA ARG H 84 -46.43 6.13 -45.85
C ARG H 84 -46.76 4.90 -46.72
N ASP H 85 -45.89 3.91 -46.72
CA ASP H 85 -46.11 2.72 -47.54
C ASP H 85 -47.18 1.78 -47.01
N ASP H 86 -47.33 1.64 -45.69
CA ASP H 86 -48.13 0.53 -45.15
C ASP H 86 -49.34 0.90 -44.29
N ASP H 87 -49.37 2.14 -43.78
CA ASP H 87 -50.45 2.56 -42.90
C ASP H 87 -51.61 3.06 -43.77
N LYS H 88 -52.31 2.10 -44.35
CA LYS H 88 -53.34 2.38 -45.35
C LYS H 88 -54.46 3.25 -44.81
N ASN H 89 -54.94 2.97 -43.60
CA ASN H 89 -55.99 3.80 -42.98
C ASN H 89 -55.49 5.05 -42.24
N ASN H 90 -54.20 5.35 -42.33
CA ASN H 90 -53.62 6.54 -41.68
C ASN H 90 -53.95 6.75 -40.17
N ASP H 91 -53.92 5.66 -39.39
CA ASP H 91 -54.15 5.76 -37.91
C ASP H 91 -52.83 5.82 -37.10
N GLY H 92 -51.69 5.81 -37.77
CA GLY H 92 -50.38 5.82 -37.11
C GLY H 92 -49.98 4.44 -36.60
N TYR H 93 -50.74 3.41 -36.92
CA TYR H 93 -50.38 2.10 -36.52
C TYR H 93 -50.28 1.22 -37.72
N ILE H 94 -49.46 0.20 -37.67
CA ILE H 94 -49.61 -0.81 -38.66
C ILE H 94 -50.19 -2.08 -38.00
N ASP H 95 -51.43 -2.42 -38.36
CA ASP H 95 -52.06 -3.63 -37.84
C ASP H 95 -51.55 -4.85 -38.58
N TYR H 96 -52.04 -6.01 -38.19
CA TYR H 96 -51.52 -7.22 -38.75
C TYR H 96 -51.84 -7.36 -40.23
N ALA H 97 -53.03 -6.95 -40.64
CA ALA H 97 -53.42 -7.02 -42.04
C ALA H 97 -52.53 -6.07 -42.85
N GLU H 98 -52.32 -4.86 -42.36
CA GLU H 98 -51.39 -3.93 -43.03
C GLU H 98 -49.96 -4.51 -43.13
N PHE H 99 -49.54 -5.20 -42.08
CA PHE H 99 -48.26 -5.89 -42.02
C PHE H 99 -48.16 -7.04 -43.00
N ALA H 100 -49.18 -7.89 -43.06
CA ALA H 100 -49.17 -9.08 -43.91
C ALA H 100 -49.16 -8.60 -45.38
N LYS H 101 -49.89 -7.52 -45.65
CA LYS H 101 -49.98 -6.93 -46.98
C LYS H 101 -48.65 -6.34 -47.40
N SER H 102 -47.94 -5.69 -46.48
CA SER H 102 -46.61 -5.21 -46.79
C SER H 102 -45.63 -6.32 -47.21
N LEU H 103 -46.00 -7.61 -47.05
CA LEU H 103 -45.05 -8.76 -47.21
C LEU H 103 -45.23 -9.77 -48.41
CA CA I . 35.63 -32.34 15.91
CA CA J . 33.69 -37.15 19.33
CL CL K . 30.66 -29.67 9.69
CL CL L . 40.61 -1.89 26.49
CA CA M . 41.33 -1.37 35.54
CA CA N . 51.10 -2.48 41.52
CA CA O . 17.73 4.68 10.96
CA CA P . 11.74 6.21 11.82
CA CA Q . 21.09 -22.99 -13.55
CA CA R . 19.17 -18.99 -24.00
CA CA S . -25.39 -8.66 -4.55
CA CA T . -25.71 -13.23 -0.37
CA CA U . -18.80 23.92 11.88
CA CA V . -7.88 24.30 15.19
CA CA W . -53.60 27.30 -3.46
CA CA X . -48.01 26.23 -5.93
CL CL Y . -40.77 1.65 -26.05
CA CA Z . -48.21 -2.04 -30.04
CA CA AA . -53.15 1.45 -39.91
#